data_2YTF
#
_entry.id   2YTF
#
loop_
_entity.id
_entity.type
_entity.pdbx_description
1 polymer 'Zinc finger protein 268'
2 non-polymer 'ZINC ION'
#
_entity_poly.entity_id   1
_entity_poly.type   'polypeptide(L)'
_entity_poly.pdbx_seq_one_letter_code
;GSSGSSGTGEKPFECSECQKAFNTKSNLIVHQRTHTGEKPSGPSSG
;
_entity_poly.pdbx_strand_id   A
#
loop_
_chem_comp.id
_chem_comp.type
_chem_comp.name
_chem_comp.formula
ZN non-polymer 'ZINC ION' 'Zn 2'
#
# COMPACT_ATOMS: atom_id res chain seq x y z
N GLY A 1 5.55 19.05 19.99
CA GLY A 1 5.03 17.87 20.65
C GLY A 1 5.46 16.59 19.98
N SER A 2 4.56 16.00 19.19
CA SER A 2 4.86 14.75 18.50
C SER A 2 5.25 15.02 17.05
N SER A 3 6.53 15.29 16.83
CA SER A 3 7.04 15.57 15.49
C SER A 3 6.70 14.44 14.53
N GLY A 4 7.07 14.61 13.27
CA GLY A 4 6.79 13.59 12.27
C GLY A 4 7.31 13.97 10.90
N SER A 5 6.41 14.09 9.94
CA SER A 5 6.78 14.45 8.57
C SER A 5 6.65 15.95 8.34
N SER A 6 7.71 16.69 8.66
CA SER A 6 7.71 18.13 8.49
C SER A 6 7.75 18.51 7.02
N GLY A 7 8.66 17.90 6.28
CA GLY A 7 8.79 18.18 4.86
C GLY A 7 9.45 17.04 4.10
N THR A 8 8.70 15.96 3.91
CA THR A 8 9.21 14.80 3.20
C THR A 8 8.51 14.62 1.86
N GLY A 9 9.27 14.26 0.82
CA GLY A 9 8.71 14.06 -0.49
C GLY A 9 7.71 12.91 -0.53
N GLU A 10 7.06 12.73 -1.66
CA GLU A 10 6.08 11.66 -1.83
C GLU A 10 6.33 10.88 -3.12
N LYS A 11 5.78 9.68 -3.20
CA LYS A 11 5.95 8.84 -4.38
C LYS A 11 4.73 8.97 -5.30
N PRO A 12 4.96 8.73 -6.60
CA PRO A 12 3.90 8.81 -7.61
C PRO A 12 2.88 7.67 -7.48
N PHE A 13 3.25 6.64 -6.74
CA PHE A 13 2.38 5.49 -6.53
C PHE A 13 2.28 5.14 -5.05
N GLU A 14 1.05 5.10 -4.54
CA GLU A 14 0.82 4.79 -3.13
C GLU A 14 -0.27 3.74 -2.99
N CYS A 15 -0.04 2.77 -2.11
CA CYS A 15 -1.02 1.70 -1.87
C CYS A 15 -2.38 2.27 -1.49
N SER A 16 -3.34 1.39 -1.25
CA SER A 16 -4.69 1.81 -0.88
C SER A 16 -5.08 1.23 0.48
N GLU A 17 -4.49 0.10 0.82
CA GLU A 17 -4.78 -0.56 2.09
C GLU A 17 -3.83 -0.06 3.19
N CYS A 18 -2.54 -0.18 2.93
CA CYS A 18 -1.52 0.26 3.89
C CYS A 18 -1.02 1.66 3.55
N GLN A 19 -1.34 2.12 2.34
CA GLN A 19 -0.91 3.44 1.90
C GLN A 19 0.61 3.55 1.88
N LYS A 20 1.27 2.53 1.35
CA LYS A 20 2.72 2.50 1.28
C LYS A 20 3.22 3.22 0.02
N ALA A 21 4.43 3.74 0.08
CA ALA A 21 5.02 4.45 -1.05
C ALA A 21 5.79 3.49 -1.96
N PHE A 22 5.71 3.72 -3.27
CA PHE A 22 6.39 2.88 -4.23
C PHE A 22 7.00 3.72 -5.35
N ASN A 23 8.08 3.21 -5.95
CA ASN A 23 8.75 3.92 -7.03
C ASN A 23 8.10 3.59 -8.38
N THR A 24 7.96 2.31 -8.66
CA THR A 24 7.36 1.86 -9.91
C THR A 24 5.97 1.29 -9.68
N LYS A 25 5.08 1.49 -10.64
CA LYS A 25 3.71 1.00 -10.56
C LYS A 25 3.69 -0.53 -10.49
N SER A 26 4.43 -1.16 -11.39
CA SER A 26 4.49 -2.62 -11.44
C SER A 26 4.71 -3.21 -10.05
N ASN A 27 5.74 -2.72 -9.36
CA ASN A 27 6.05 -3.19 -8.02
C ASN A 27 4.86 -2.99 -7.08
N LEU A 28 4.21 -1.84 -7.20
CA LEU A 28 3.05 -1.52 -6.38
C LEU A 28 1.91 -2.50 -6.63
N ILE A 29 1.50 -2.62 -7.89
CA ILE A 29 0.43 -3.53 -8.26
C ILE A 29 0.61 -4.89 -7.60
N VAL A 30 1.79 -5.47 -7.76
CA VAL A 30 2.10 -6.77 -7.18
C VAL A 30 1.97 -6.74 -5.66
N HIS A 31 2.26 -5.59 -5.07
CA HIS A 31 2.18 -5.42 -3.63
C HIS A 31 0.74 -5.32 -3.17
N GLN A 32 -0.13 -4.81 -4.05
CA GLN A 32 -1.54 -4.66 -3.74
C GLN A 32 -2.22 -6.01 -3.60
N ARG A 33 -1.81 -6.95 -4.43
CA ARG A 33 -2.39 -8.30 -4.40
C ARG A 33 -2.22 -8.93 -3.02
N THR A 34 -1.01 -8.89 -2.50
CA THR A 34 -0.71 -9.46 -1.19
C THR A 34 -1.80 -9.11 -0.18
N HIS A 35 -2.42 -7.95 -0.38
CA HIS A 35 -3.48 -7.49 0.51
C HIS A 35 -4.79 -8.24 0.25
N THR A 36 -4.73 -9.57 0.36
CA THR A 36 -5.90 -10.41 0.13
C THR A 36 -6.12 -11.38 1.28
N GLY A 37 -7.36 -11.82 1.46
CA GLY A 37 -7.67 -12.75 2.53
C GLY A 37 -7.90 -12.06 3.85
N GLU A 38 -7.66 -12.77 4.94
CA GLU A 38 -7.86 -12.22 6.28
C GLU A 38 -6.75 -12.69 7.23
N LYS A 39 -6.31 -11.80 8.10
CA LYS A 39 -5.27 -12.11 9.07
C LYS A 39 -4.10 -12.82 8.39
N PRO A 40 -3.55 -12.18 7.35
CA PRO A 40 -2.42 -12.71 6.59
C PRO A 40 -1.13 -12.71 7.39
N SER A 41 -0.87 -11.60 8.09
CA SER A 41 0.34 -11.47 8.90
C SER A 41 0.01 -11.61 10.38
N GLY A 42 -1.04 -10.92 10.82
CA GLY A 42 -1.43 -10.98 12.22
C GLY A 42 -2.23 -9.77 12.65
N PRO A 43 -3.19 -9.99 13.56
CA PRO A 43 -4.05 -8.92 14.07
C PRO A 43 -3.28 -7.94 14.95
N SER A 44 -3.79 -6.71 15.05
CA SER A 44 -3.15 -5.68 15.86
C SER A 44 -3.33 -5.97 17.35
N SER A 45 -4.59 -6.08 17.77
CA SER A 45 -4.90 -6.35 19.18
C SER A 45 -4.35 -5.24 20.08
N GLY A 46 -4.52 -4.00 19.64
CA GLY A 46 -4.04 -2.87 20.42
C GLY A 46 -2.94 -2.10 19.71
ZN ZN B . -0.03 -2.12 0.73
N GLY A 1 15.76 24.39 17.63
CA GLY A 1 17.12 24.05 17.29
C GLY A 1 17.34 23.95 15.79
N SER A 2 17.05 22.79 15.21
CA SER A 2 17.23 22.57 13.78
C SER A 2 15.96 21.98 13.16
N SER A 3 15.95 21.87 11.84
CA SER A 3 14.80 21.32 11.13
C SER A 3 15.16 19.99 10.47
N GLY A 4 16.13 20.02 9.56
CA GLY A 4 16.55 18.82 8.87
C GLY A 4 15.52 18.33 7.88
N SER A 5 15.03 17.11 8.08
CA SER A 5 14.04 16.53 7.18
C SER A 5 14.36 16.85 5.73
N SER A 6 15.64 16.76 5.38
CA SER A 6 16.07 17.06 4.01
C SER A 6 15.68 15.93 3.06
N GLY A 7 15.09 16.30 1.92
CA GLY A 7 14.68 15.31 0.95
C GLY A 7 13.58 14.41 1.48
N THR A 8 12.38 14.96 1.63
CA THR A 8 11.24 14.20 2.13
C THR A 8 10.98 12.97 1.27
N GLY A 9 10.21 12.04 1.80
CA GLY A 9 9.89 10.82 1.06
C GLY A 9 8.46 10.79 0.57
N GLU A 10 8.27 11.04 -0.72
CA GLU A 10 6.93 11.04 -1.31
C GLU A 10 6.97 10.48 -2.73
N LYS A 11 6.43 9.28 -2.89
CA LYS A 11 6.39 8.63 -4.20
C LYS A 11 5.08 8.93 -4.92
N PRO A 12 5.08 8.75 -6.25
CA PRO A 12 3.89 9.00 -7.08
C PRO A 12 2.80 7.95 -6.85
N PHE A 13 3.21 6.70 -6.70
CA PHE A 13 2.26 5.61 -6.47
C PHE A 13 2.16 5.28 -4.98
N GLU A 14 0.93 5.20 -4.49
CA GLU A 14 0.70 4.89 -3.08
C GLU A 14 -0.43 3.87 -2.93
N CYS A 15 -0.15 2.80 -2.19
CA CYS A 15 -1.14 1.75 -1.96
C CYS A 15 -2.47 2.33 -1.49
N SER A 16 -3.46 1.48 -1.32
CA SER A 16 -4.79 1.92 -0.88
C SER A 16 -5.12 1.32 0.49
N GLU A 17 -4.59 0.13 0.76
CA GLU A 17 -4.83 -0.54 2.03
C GLU A 17 -3.85 -0.07 3.10
N CYS A 18 -2.56 -0.23 2.82
CA CYS A 18 -1.52 0.18 3.75
C CYS A 18 -0.96 1.55 3.37
N GLN A 19 -1.35 2.05 2.21
CA GLN A 19 -0.89 3.34 1.74
C GLN A 19 0.63 3.41 1.74
N LYS A 20 1.27 2.39 1.16
CA LYS A 20 2.73 2.34 1.10
C LYS A 20 3.23 3.08 -0.13
N ALA A 21 4.47 3.59 -0.04
CA ALA A 21 5.08 4.32 -1.14
C ALA A 21 5.84 3.38 -2.06
N PHE A 22 5.69 3.59 -3.36
CA PHE A 22 6.36 2.75 -4.36
C PHE A 22 6.99 3.62 -5.45
N ASN A 23 8.11 3.16 -6.00
CA ASN A 23 8.79 3.88 -7.05
C ASN A 23 8.21 3.56 -8.42
N THR A 24 7.97 2.27 -8.66
CA THR A 24 7.41 1.83 -9.93
C THR A 24 6.01 1.25 -9.74
N LYS A 25 5.12 1.53 -10.68
CA LYS A 25 3.75 1.05 -10.62
C LYS A 25 3.72 -0.48 -10.55
N SER A 26 4.36 -1.12 -11.52
CA SER A 26 4.41 -2.58 -11.56
C SER A 26 4.64 -3.16 -10.17
N ASN A 27 5.66 -2.63 -9.49
CA ASN A 27 6.00 -3.10 -8.14
C ASN A 27 4.80 -2.96 -7.20
N LEU A 28 4.14 -1.81 -7.26
CA LEU A 28 2.97 -1.55 -6.41
C LEU A 28 1.91 -2.62 -6.62
N ILE A 29 1.48 -2.80 -7.87
CA ILE A 29 0.46 -3.78 -8.20
C ILE A 29 0.82 -5.15 -7.62
N VAL A 30 2.08 -5.55 -7.77
CA VAL A 30 2.54 -6.84 -7.25
C VAL A 30 2.43 -6.88 -5.73
N HIS A 31 2.29 -5.72 -5.11
CA HIS A 31 2.18 -5.63 -3.67
C HIS A 31 0.71 -5.59 -3.24
N GLN A 32 -0.05 -4.70 -3.85
CA GLN A 32 -1.47 -4.56 -3.54
C GLN A 32 -2.14 -5.92 -3.38
N ARG A 33 -1.79 -6.85 -4.27
CA ARG A 33 -2.35 -8.19 -4.23
C ARG A 33 -2.21 -8.80 -2.84
N THR A 34 -1.08 -8.55 -2.20
CA THR A 34 -0.82 -9.07 -0.86
C THR A 34 -2.04 -8.89 0.04
N HIS A 35 -2.71 -7.75 -0.09
CA HIS A 35 -3.89 -7.45 0.71
C HIS A 35 -5.05 -8.36 0.32
N THR A 36 -5.50 -8.25 -0.92
CA THR A 36 -6.60 -9.06 -1.42
C THR A 36 -6.19 -10.53 -1.56
N GLY A 37 -7.11 -11.42 -1.22
CA GLY A 37 -6.82 -12.84 -1.31
C GLY A 37 -7.98 -13.70 -0.82
N GLU A 38 -8.66 -13.23 0.21
CA GLU A 38 -9.79 -13.96 0.78
C GLU A 38 -11.06 -13.70 -0.03
N LYS A 39 -10.93 -13.74 -1.35
CA LYS A 39 -12.07 -13.51 -2.24
C LYS A 39 -12.07 -14.49 -3.40
N PRO A 40 -13.26 -14.92 -3.82
CA PRO A 40 -13.42 -15.87 -4.93
C PRO A 40 -13.07 -15.24 -6.27
N SER A 41 -13.57 -14.03 -6.51
CA SER A 41 -13.30 -13.33 -7.76
C SER A 41 -12.12 -12.38 -7.61
N GLY A 42 -12.21 -11.48 -6.63
CA GLY A 42 -11.15 -10.53 -6.41
C GLY A 42 -11.59 -9.10 -6.62
N PRO A 43 -11.72 -8.69 -7.90
CA PRO A 43 -12.14 -7.35 -8.26
C PRO A 43 -13.60 -7.08 -7.93
N SER A 44 -14.09 -5.90 -8.30
CA SER A 44 -15.47 -5.51 -8.03
C SER A 44 -16.32 -5.66 -9.29
N SER A 45 -15.94 -4.94 -10.33
CA SER A 45 -16.67 -4.98 -11.60
C SER A 45 -15.99 -5.92 -12.58
N GLY A 46 -16.76 -6.41 -13.56
CA GLY A 46 -16.22 -7.32 -14.55
C GLY A 46 -17.30 -8.15 -15.22
ZN ZN B . -0.19 -2.18 0.59
N GLY A 1 12.76 28.27 9.22
CA GLY A 1 12.37 26.98 9.74
C GLY A 1 13.10 26.63 11.03
N SER A 2 12.71 27.28 12.12
CA SER A 2 13.34 27.05 13.41
C SER A 2 13.04 25.63 13.90
N SER A 3 11.75 25.32 14.05
CA SER A 3 11.34 24.00 14.50
C SER A 3 11.69 22.92 13.49
N GLY A 4 11.43 23.22 12.21
CA GLY A 4 11.73 22.27 11.16
C GLY A 4 10.49 21.57 10.63
N SER A 5 9.43 22.34 10.42
CA SER A 5 8.17 21.79 9.93
C SER A 5 8.19 21.68 8.41
N SER A 6 8.80 20.61 7.91
CA SER A 6 8.89 20.38 6.47
C SER A 6 9.12 18.90 6.16
N GLY A 7 9.09 18.56 4.89
CA GLY A 7 9.30 17.17 4.48
C GLY A 7 9.78 17.06 3.05
N THR A 8 10.41 15.93 2.73
CA THR A 8 10.93 15.70 1.39
C THR A 8 11.01 14.20 1.09
N GLY A 9 10.42 13.80 -0.05
CA GLY A 9 10.44 12.40 -0.42
C GLY A 9 9.05 11.83 -0.62
N GLU A 10 8.41 12.19 -1.72
CA GLU A 10 7.06 11.72 -2.02
C GLU A 10 7.08 10.76 -3.20
N LYS A 11 6.34 9.66 -3.07
CA LYS A 11 6.27 8.67 -4.13
C LYS A 11 5.02 8.88 -5.00
N PRO A 12 5.16 8.63 -6.30
CA PRO A 12 4.06 8.79 -7.26
C PRO A 12 2.97 7.74 -7.06
N PHE A 13 3.38 6.51 -6.76
CA PHE A 13 2.43 5.42 -6.56
C PHE A 13 2.36 5.03 -5.08
N GLU A 14 1.16 4.94 -4.55
CA GLU A 14 0.96 4.58 -3.16
C GLU A 14 -0.20 3.61 -3.00
N CYS A 15 -0.02 2.59 -2.16
CA CYS A 15 -1.05 1.59 -1.94
C CYS A 15 -2.37 2.25 -1.53
N SER A 16 -3.44 1.46 -1.52
CA SER A 16 -4.75 1.97 -1.15
C SER A 16 -5.17 1.48 0.23
N GLU A 17 -4.65 0.31 0.61
CA GLU A 17 -4.96 -0.27 1.92
C GLU A 17 -3.99 0.23 2.98
N CYS A 18 -2.73 -0.16 2.86
CA CYS A 18 -1.70 0.25 3.81
C CYS A 18 -1.15 1.62 3.45
N GLN A 19 -1.42 2.07 2.23
CA GLN A 19 -0.95 3.37 1.77
C GLN A 19 0.57 3.41 1.74
N LYS A 20 1.18 2.31 1.32
CA LYS A 20 2.64 2.23 1.24
C LYS A 20 3.17 2.95 0.01
N ALA A 21 4.34 3.56 0.14
CA ALA A 21 4.95 4.28 -0.96
C ALA A 21 5.84 3.37 -1.80
N PHE A 22 5.79 3.54 -3.12
CA PHE A 22 6.58 2.72 -4.03
C PHE A 22 7.27 3.60 -5.07
N ASN A 23 8.10 2.97 -5.91
CA ASN A 23 8.82 3.69 -6.95
C ASN A 23 8.08 3.60 -8.28
N THR A 24 7.80 2.37 -8.72
CA THR A 24 7.09 2.15 -9.98
C THR A 24 5.71 1.55 -9.73
N LYS A 25 4.83 1.72 -10.70
CA LYS A 25 3.47 1.20 -10.60
C LYS A 25 3.47 -0.33 -10.60
N SER A 26 4.12 -0.91 -11.60
CA SER A 26 4.20 -2.37 -11.72
C SER A 26 4.51 -3.00 -10.36
N ASN A 27 5.56 -2.52 -9.72
CA ASN A 27 5.95 -3.04 -8.41
C ASN A 27 4.82 -2.92 -7.40
N LEU A 28 4.14 -1.77 -7.41
CA LEU A 28 3.03 -1.53 -6.50
C LEU A 28 1.94 -2.59 -6.69
N ILE A 29 1.53 -2.80 -7.93
CA ILE A 29 0.50 -3.79 -8.24
C ILE A 29 0.82 -5.13 -7.59
N VAL A 30 2.05 -5.60 -7.76
CA VAL A 30 2.47 -6.86 -7.20
C VAL A 30 2.29 -6.89 -5.70
N HIS A 31 2.38 -5.71 -5.07
CA HIS A 31 2.22 -5.61 -3.63
C HIS A 31 0.74 -5.59 -3.25
N GLN A 32 -0.01 -4.69 -3.86
CA GLN A 32 -1.45 -4.57 -3.58
C GLN A 32 -2.06 -5.95 -3.36
N ARG A 33 -1.67 -6.91 -4.17
CA ARG A 33 -2.20 -8.27 -4.06
C ARG A 33 -2.04 -8.79 -2.64
N THR A 34 -0.85 -8.58 -2.06
CA THR A 34 -0.57 -9.03 -0.71
C THR A 34 -1.75 -8.75 0.22
N HIS A 35 -2.57 -7.79 -0.16
CA HIS A 35 -3.73 -7.42 0.64
C HIS A 35 -4.93 -8.31 0.31
N THR A 36 -4.77 -9.60 0.53
CA THR A 36 -5.84 -10.56 0.25
C THR A 36 -6.26 -11.30 1.52
N GLY A 37 -5.27 -11.76 2.29
CA GLY A 37 -5.56 -12.47 3.51
C GLY A 37 -6.19 -11.59 4.57
N GLU A 38 -6.50 -12.17 5.72
CA GLU A 38 -7.11 -11.42 6.82
C GLU A 38 -6.58 -11.89 8.17
N LYS A 39 -6.85 -11.11 9.21
CA LYS A 39 -6.40 -11.45 10.56
C LYS A 39 -7.51 -12.13 11.35
N PRO A 40 -7.13 -12.82 12.43
CA PRO A 40 -8.07 -13.54 13.29
C PRO A 40 -8.94 -12.57 14.10
N SER A 41 -10.01 -12.07 13.49
CA SER A 41 -10.91 -11.14 14.15
C SER A 41 -12.30 -11.76 14.33
N GLY A 42 -13.19 -11.00 14.97
CA GLY A 42 -14.54 -11.50 15.19
C GLY A 42 -15.28 -11.76 13.90
N PRO A 43 -16.62 -11.82 13.98
CA PRO A 43 -17.48 -12.08 12.83
C PRO A 43 -17.50 -10.90 11.86
N SER A 44 -18.45 -10.93 10.93
CA SER A 44 -18.58 -9.85 9.94
C SER A 44 -17.34 -9.80 9.06
N SER A 45 -16.90 -10.95 8.58
CA SER A 45 -15.71 -11.03 7.73
C SER A 45 -16.11 -11.10 6.25
N GLY A 46 -16.29 -9.93 5.65
CA GLY A 46 -16.68 -9.88 4.25
C GLY A 46 -15.68 -10.60 3.35
ZN ZN B . -0.26 -2.26 0.68
N GLY A 1 -2.37 16.02 16.62
CA GLY A 1 -2.06 17.40 16.98
C GLY A 1 -0.81 17.90 16.29
N SER A 2 0.35 17.55 16.83
CA SER A 2 1.62 17.98 16.26
C SER A 2 1.90 17.26 14.95
N SER A 3 2.58 17.95 14.03
CA SER A 3 2.91 17.38 12.74
C SER A 3 3.28 15.91 12.87
N GLY A 4 3.07 15.14 11.80
CA GLY A 4 3.38 13.74 11.82
C GLY A 4 4.74 13.43 11.20
N SER A 5 4.80 12.40 10.37
CA SER A 5 6.04 12.02 9.72
C SER A 5 6.51 13.09 8.73
N SER A 6 7.82 13.16 8.52
CA SER A 6 8.38 14.14 7.61
C SER A 6 9.75 13.68 7.10
N GLY A 7 10.06 14.05 5.85
CA GLY A 7 11.33 13.67 5.27
C GLY A 7 11.17 13.03 3.90
N THR A 8 10.60 11.84 3.87
CA THR A 8 10.40 11.12 2.62
C THR A 8 9.77 12.03 1.56
N GLY A 9 9.79 11.57 0.31
CA GLY A 9 9.22 12.35 -0.77
C GLY A 9 7.89 11.81 -1.26
N GLU A 10 7.11 12.66 -1.92
CA GLU A 10 5.80 12.25 -2.43
C GLU A 10 5.97 11.29 -3.60
N LYS A 11 5.74 10.01 -3.35
CA LYS A 11 5.85 8.99 -4.38
C LYS A 11 4.67 9.04 -5.33
N PRO A 12 4.92 8.73 -6.61
CA PRO A 12 3.88 8.74 -7.65
C PRO A 12 2.86 7.62 -7.46
N PHE A 13 3.29 6.55 -6.79
CA PHE A 13 2.41 5.41 -6.54
C PHE A 13 2.28 5.14 -5.04
N GLU A 14 1.05 5.03 -4.57
CA GLU A 14 0.80 4.78 -3.15
C GLU A 14 -0.37 3.80 -2.98
N CYS A 15 -0.18 2.82 -2.11
CA CYS A 15 -1.21 1.81 -1.86
C CYS A 15 -2.50 2.47 -1.35
N SER A 16 -3.54 1.67 -1.17
CA SER A 16 -4.82 2.16 -0.70
C SER A 16 -5.17 1.56 0.65
N GLU A 17 -4.69 0.35 0.91
CA GLU A 17 -4.95 -0.34 2.16
C GLU A 17 -3.94 0.08 3.23
N CYS A 18 -2.67 -0.18 2.96
CA CYS A 18 -1.61 0.16 3.90
C CYS A 18 -1.01 1.54 3.57
N GLN A 19 -1.32 2.04 2.38
CA GLN A 19 -0.82 3.33 1.94
C GLN A 19 0.71 3.35 1.94
N LYS A 20 1.30 2.39 1.24
CA LYS A 20 2.76 2.30 1.16
C LYS A 20 3.30 3.11 -0.01
N ALA A 21 4.49 3.67 0.14
CA ALA A 21 5.11 4.46 -0.91
C ALA A 21 5.97 3.59 -1.81
N PHE A 22 5.71 3.63 -3.11
CA PHE A 22 6.47 2.84 -4.07
C PHE A 22 7.15 3.74 -5.10
N ASN A 23 7.94 3.14 -5.97
CA ASN A 23 8.66 3.89 -7.00
C ASN A 23 7.98 3.72 -8.36
N THR A 24 7.67 2.47 -8.71
CA THR A 24 7.03 2.17 -9.98
C THR A 24 5.67 1.51 -9.76
N LYS A 25 4.83 1.54 -10.79
CA LYS A 25 3.50 0.94 -10.71
C LYS A 25 3.60 -0.59 -10.59
N SER A 26 4.27 -1.21 -11.57
CA SER A 26 4.44 -2.65 -11.57
C SER A 26 4.77 -3.17 -10.18
N ASN A 27 5.78 -2.58 -9.56
CA ASN A 27 6.20 -2.99 -8.21
C ASN A 27 5.01 -2.96 -7.25
N LEU A 28 4.31 -1.84 -7.21
CA LEU A 28 3.15 -1.68 -6.33
C LEU A 28 2.11 -2.75 -6.62
N ILE A 29 1.68 -2.85 -7.87
CA ILE A 29 0.69 -3.82 -8.28
C ILE A 29 0.98 -5.19 -7.65
N VAL A 30 2.22 -5.66 -7.82
CA VAL A 30 2.63 -6.94 -7.27
C VAL A 30 2.39 -7.00 -5.77
N HIS A 31 2.49 -5.84 -5.12
CA HIS A 31 2.29 -5.77 -3.67
C HIS A 31 0.81 -5.73 -3.33
N GLN A 32 0.10 -4.76 -3.89
CA GLN A 32 -1.33 -4.61 -3.64
C GLN A 32 -2.00 -5.97 -3.52
N ARG A 33 -1.72 -6.85 -4.48
CA ARG A 33 -2.29 -8.19 -4.49
C ARG A 33 -2.36 -8.76 -3.08
N THR A 34 -1.26 -8.63 -2.33
CA THR A 34 -1.20 -9.13 -0.97
C THR A 34 -2.48 -8.81 -0.20
N HIS A 35 -2.98 -7.59 -0.38
CA HIS A 35 -4.20 -7.17 0.30
C HIS A 35 -5.42 -7.88 -0.28
N THR A 36 -5.66 -7.67 -1.58
CA THR A 36 -6.79 -8.29 -2.25
C THR A 36 -6.74 -9.81 -2.14
N GLY A 37 -7.90 -10.44 -2.26
CA GLY A 37 -7.96 -11.89 -2.18
C GLY A 37 -8.91 -12.37 -1.10
N GLU A 38 -8.48 -13.34 -0.30
CA GLU A 38 -9.30 -13.88 0.78
C GLU A 38 -8.99 -13.19 2.10
N LYS A 39 -9.77 -12.16 2.42
CA LYS A 39 -9.57 -11.42 3.65
C LYS A 39 -10.92 -11.07 4.29
N PRO A 40 -10.90 -10.87 5.62
CA PRO A 40 -12.12 -10.52 6.38
C PRO A 40 -12.62 -9.12 6.06
N SER A 41 -11.95 -8.46 5.14
CA SER A 41 -12.33 -7.10 4.75
C SER A 41 -12.64 -7.03 3.25
N GLY A 42 -13.71 -6.32 2.90
CA GLY A 42 -14.09 -6.19 1.51
C GLY A 42 -14.61 -7.48 0.93
N PRO A 43 -15.87 -7.83 1.29
CA PRO A 43 -16.52 -9.05 0.81
C PRO A 43 -16.86 -8.98 -0.68
N SER A 44 -17.21 -7.79 -1.14
CA SER A 44 -17.55 -7.59 -2.55
C SER A 44 -16.51 -6.74 -3.26
N SER A 45 -15.53 -7.40 -3.85
CA SER A 45 -14.45 -6.69 -4.56
C SER A 45 -13.83 -7.59 -5.63
N GLY A 46 -13.89 -7.12 -6.87
CA GLY A 46 -13.33 -7.89 -7.98
C GLY A 46 -11.99 -8.51 -7.63
ZN ZN B . -0.39 -2.17 0.60
N GLY A 1 8.67 29.45 6.65
CA GLY A 1 7.69 30.20 7.43
C GLY A 1 7.02 29.36 8.49
N SER A 2 5.73 29.09 8.30
CA SER A 2 4.96 28.30 9.25
C SER A 2 4.46 27.01 8.60
N SER A 3 3.70 27.16 7.52
CA SER A 3 3.15 26.00 6.81
C SER A 3 4.23 25.31 5.99
N GLY A 4 3.90 24.12 5.48
CA GLY A 4 4.85 23.37 4.68
C GLY A 4 4.62 21.87 4.76
N SER A 5 4.89 21.18 3.66
CA SER A 5 4.71 19.73 3.61
C SER A 5 5.73 19.02 4.49
N SER A 6 5.30 17.94 5.13
CA SER A 6 6.17 17.17 6.01
C SER A 6 6.99 16.17 5.22
N GLY A 7 8.31 16.36 5.22
CA GLY A 7 9.19 15.47 4.50
C GLY A 7 9.13 15.69 2.99
N THR A 8 10.29 15.94 2.39
CA THR A 8 10.37 16.17 0.95
C THR A 8 10.64 14.86 0.20
N GLY A 9 9.57 14.22 -0.24
CA GLY A 9 9.70 12.97 -0.97
C GLY A 9 8.38 12.26 -1.16
N GLU A 10 7.49 12.84 -1.95
CA GLU A 10 6.18 12.25 -2.20
C GLU A 10 6.23 11.32 -3.40
N LYS A 11 6.04 10.02 -3.15
CA LYS A 11 6.05 9.03 -4.21
C LYS A 11 4.83 9.17 -5.12
N PRO A 12 5.02 8.92 -6.42
CA PRO A 12 3.95 9.02 -7.41
C PRO A 12 2.92 7.90 -7.25
N PHE A 13 3.35 6.78 -6.67
CA PHE A 13 2.47 5.64 -6.47
C PHE A 13 2.37 5.30 -4.98
N GLU A 14 1.13 5.20 -4.49
CA GLU A 14 0.90 4.88 -3.09
C GLU A 14 -0.24 3.87 -2.94
N CYS A 15 -0.01 2.83 -2.15
CA CYS A 15 -1.01 1.80 -1.92
C CYS A 15 -2.34 2.42 -1.50
N SER A 16 -3.37 1.58 -1.40
CA SER A 16 -4.69 2.04 -1.01
C SER A 16 -5.09 1.48 0.35
N GLU A 17 -4.59 0.28 0.67
CA GLU A 17 -4.89 -0.37 1.93
C GLU A 17 -3.91 0.09 3.02
N CYS A 18 -2.63 -0.25 2.84
CA CYS A 18 -1.61 0.11 3.80
C CYS A 18 -1.07 1.51 3.51
N GLN A 19 -1.34 2.00 2.31
CA GLN A 19 -0.89 3.34 1.92
C GLN A 19 0.63 3.43 1.96
N LYS A 20 1.30 2.47 1.32
CA LYS A 20 2.76 2.45 1.29
C LYS A 20 3.29 3.22 0.09
N ALA A 21 4.55 3.66 0.19
CA ALA A 21 5.18 4.40 -0.90
C ALA A 21 5.93 3.47 -1.85
N PHE A 22 5.88 3.78 -3.14
CA PHE A 22 6.55 2.98 -4.14
C PHE A 22 7.16 3.86 -5.23
N ASN A 23 7.85 3.23 -6.17
CA ASN A 23 8.50 3.95 -7.26
C ASN A 23 7.82 3.64 -8.59
N THR A 24 7.69 2.36 -8.89
CA THR A 24 7.07 1.92 -10.14
C THR A 24 5.71 1.28 -9.88
N LYS A 25 4.79 1.44 -10.83
CA LYS A 25 3.45 0.87 -10.70
C LYS A 25 3.51 -0.64 -10.51
N SER A 26 4.23 -1.31 -11.40
CA SER A 26 4.37 -2.76 -11.34
C SER A 26 4.62 -3.22 -9.91
N ASN A 27 5.67 -2.70 -9.29
CA ASN A 27 6.02 -3.06 -7.92
C ASN A 27 4.82 -2.91 -7.01
N LEU A 28 4.14 -1.78 -7.11
CA LEU A 28 2.96 -1.51 -6.28
C LEU A 28 1.88 -2.56 -6.52
N ILE A 29 1.58 -2.81 -7.78
CA ILE A 29 0.57 -3.80 -8.15
C ILE A 29 0.86 -5.15 -7.49
N VAL A 30 2.08 -5.66 -7.70
CA VAL A 30 2.48 -6.93 -7.12
C VAL A 30 2.36 -6.91 -5.60
N HIS A 31 2.46 -5.72 -5.03
CA HIS A 31 2.38 -5.56 -3.57
C HIS A 31 0.92 -5.45 -3.13
N GLN A 32 0.08 -4.92 -4.01
CA GLN A 32 -1.34 -4.76 -3.71
C GLN A 32 -2.03 -6.10 -3.61
N ARG A 33 -1.71 -7.00 -4.54
CA ARG A 33 -2.31 -8.33 -4.56
C ARG A 33 -2.34 -8.94 -3.16
N THR A 34 -1.18 -8.93 -2.50
CA THR A 34 -1.08 -9.48 -1.15
C THR A 34 -2.27 -9.07 -0.29
N HIS A 35 -2.80 -7.88 -0.56
CA HIS A 35 -3.94 -7.37 0.20
C HIS A 35 -5.23 -8.06 -0.25
N THR A 36 -5.50 -8.02 -1.54
CA THR A 36 -6.70 -8.64 -2.09
C THR A 36 -6.35 -9.80 -3.01
N GLY A 37 -6.55 -11.02 -2.53
CA GLY A 37 -6.25 -12.19 -3.32
C GLY A 37 -6.94 -13.44 -2.80
N GLU A 38 -6.46 -13.97 -1.68
CA GLU A 38 -7.04 -15.16 -1.09
C GLU A 38 -7.94 -14.80 0.10
N LYS A 39 -9.25 -14.80 -0.14
CA LYS A 39 -10.21 -14.47 0.89
C LYS A 39 -10.67 -15.73 1.62
N PRO A 40 -10.84 -15.63 2.95
CA PRO A 40 -11.27 -16.74 3.79
C PRO A 40 -12.73 -17.11 3.54
N SER A 41 -13.06 -18.38 3.78
CA SER A 41 -14.43 -18.86 3.58
C SER A 41 -14.81 -19.86 4.66
N GLY A 42 -16.12 -20.05 4.86
CA GLY A 42 -16.59 -20.97 5.87
C GLY A 42 -15.69 -22.18 6.02
N PRO A 43 -15.74 -23.09 5.03
CA PRO A 43 -14.92 -24.31 5.04
C PRO A 43 -13.44 -24.02 4.84
N SER A 44 -12.67 -24.14 5.91
CA SER A 44 -11.22 -23.89 5.85
C SER A 44 -10.55 -24.30 7.15
N SER A 45 -9.22 -24.35 7.13
CA SER A 45 -8.44 -24.74 8.31
C SER A 45 -8.93 -26.07 8.86
N GLY A 46 -9.19 -27.01 7.95
CA GLY A 46 -9.66 -28.33 8.37
C GLY A 46 -8.52 -29.30 8.57
ZN ZN B . -0.02 -2.13 0.52
N GLY A 1 11.50 13.57 20.09
CA GLY A 1 11.51 14.71 19.20
C GLY A 1 11.96 14.36 17.80
N SER A 2 11.00 14.03 16.93
CA SER A 2 11.31 13.66 15.57
C SER A 2 11.95 14.83 14.82
N SER A 3 13.20 14.64 14.40
CA SER A 3 13.91 15.69 13.68
C SER A 3 13.05 16.28 12.56
N GLY A 4 12.37 15.41 11.83
CA GLY A 4 11.52 15.86 10.75
C GLY A 4 12.08 15.49 9.38
N SER A 5 13.38 15.68 9.21
CA SER A 5 14.03 15.37 7.94
C SER A 5 13.74 13.94 7.51
N SER A 6 13.81 13.01 8.46
CA SER A 6 13.55 11.61 8.17
C SER A 6 12.12 11.40 7.70
N GLY A 7 11.91 10.37 6.88
CA GLY A 7 10.58 10.08 6.38
C GLY A 7 10.55 10.01 4.86
N THR A 8 10.05 8.89 4.34
CA THR A 8 9.97 8.71 2.89
C THR A 8 8.54 8.39 2.46
N GLY A 9 7.81 9.42 2.04
CA GLY A 9 6.45 9.24 1.61
C GLY A 9 6.02 10.25 0.56
N GLU A 10 6.82 10.39 -0.49
CA GLU A 10 6.52 11.33 -1.56
C GLU A 10 6.60 10.66 -2.92
N LYS A 11 6.15 9.41 -2.98
CA LYS A 11 6.16 8.65 -4.23
C LYS A 11 4.90 8.91 -5.04
N PRO A 12 5.00 8.72 -6.37
CA PRO A 12 3.86 8.94 -7.28
C PRO A 12 2.79 7.87 -7.11
N PHE A 13 3.20 6.68 -6.68
CA PHE A 13 2.26 5.57 -6.49
C PHE A 13 2.16 5.21 -5.01
N GLU A 14 0.93 5.20 -4.49
CA GLU A 14 0.70 4.87 -3.09
C GLU A 14 -0.45 3.88 -2.95
N CYS A 15 -0.29 2.92 -2.04
CA CYS A 15 -1.31 1.90 -1.81
C CYS A 15 -2.57 2.53 -1.22
N SER A 16 -3.64 1.75 -1.15
CA SER A 16 -4.91 2.22 -0.61
C SER A 16 -5.19 1.59 0.75
N GLU A 17 -4.68 0.38 0.94
CA GLU A 17 -4.88 -0.34 2.20
C GLU A 17 -3.89 0.13 3.25
N CYS A 18 -2.60 -0.13 3.02
CA CYS A 18 -1.55 0.26 3.95
C CYS A 18 -1.01 1.64 3.61
N GLN A 19 -1.28 2.09 2.39
CA GLN A 19 -0.81 3.38 1.93
C GLN A 19 0.71 3.42 1.83
N LYS A 20 1.29 2.35 1.31
CA LYS A 20 2.74 2.25 1.15
C LYS A 20 3.21 3.03 -0.06
N ALA A 21 4.43 3.56 0.01
CA ALA A 21 5.00 4.33 -1.09
C ALA A 21 5.82 3.44 -2.01
N PHE A 22 5.56 3.55 -3.31
CA PHE A 22 6.27 2.75 -4.31
C PHE A 22 6.88 3.64 -5.39
N ASN A 23 8.00 3.20 -5.96
CA ASN A 23 8.68 3.95 -7.00
C ASN A 23 8.07 3.65 -8.38
N THR A 24 7.92 2.36 -8.67
CA THR A 24 7.35 1.94 -9.95
C THR A 24 5.95 1.39 -9.77
N LYS A 25 5.19 1.33 -10.87
CA LYS A 25 3.83 0.82 -10.84
C LYS A 25 3.81 -0.70 -10.66
N SER A 26 4.46 -1.40 -11.59
CA SER A 26 4.52 -2.85 -11.54
C SER A 26 4.79 -3.34 -10.12
N ASN A 27 5.82 -2.77 -9.50
CA ASN A 27 6.19 -3.15 -8.14
C ASN A 27 5.01 -2.99 -7.19
N LEU A 28 4.31 -1.86 -7.30
CA LEU A 28 3.17 -1.57 -6.45
C LEU A 28 2.04 -2.58 -6.71
N ILE A 29 1.71 -2.76 -7.98
CA ILE A 29 0.65 -3.69 -8.36
C ILE A 29 0.88 -5.06 -7.74
N VAL A 30 2.11 -5.56 -7.84
CA VAL A 30 2.46 -6.86 -7.29
C VAL A 30 2.23 -6.90 -5.78
N HIS A 31 2.30 -5.73 -5.15
CA HIS A 31 2.11 -5.63 -3.71
C HIS A 31 0.62 -5.66 -3.37
N GLN A 32 -0.13 -4.70 -3.90
CA GLN A 32 -1.56 -4.61 -3.65
C GLN A 32 -2.17 -6.00 -3.51
N ARG A 33 -1.81 -6.91 -4.41
CA ARG A 33 -2.32 -8.27 -4.38
C ARG A 33 -2.16 -8.88 -3.00
N THR A 34 -0.98 -8.74 -2.43
CA THR A 34 -0.69 -9.27 -1.11
C THR A 34 -1.85 -9.02 -0.15
N HIS A 35 -2.44 -7.84 -0.24
CA HIS A 35 -3.57 -7.47 0.61
C HIS A 35 -4.76 -8.40 0.37
N THR A 36 -5.02 -8.68 -0.90
CA THR A 36 -6.13 -9.55 -1.27
C THR A 36 -5.72 -11.02 -1.25
N GLY A 37 -6.51 -11.84 -0.55
CA GLY A 37 -6.21 -13.25 -0.46
C GLY A 37 -6.83 -13.89 0.76
N GLU A 38 -6.43 -13.44 1.95
CA GLU A 38 -6.95 -13.99 3.19
C GLU A 38 -8.47 -13.84 3.25
N LYS A 39 -9.18 -14.94 3.00
CA LYS A 39 -10.63 -14.93 3.02
C LYS A 39 -11.16 -16.16 3.76
N PRO A 40 -12.43 -16.09 4.20
CA PRO A 40 -13.09 -17.18 4.92
C PRO A 40 -13.38 -18.38 4.02
N SER A 41 -13.62 -18.10 2.74
CA SER A 41 -13.91 -19.15 1.77
C SER A 41 -12.65 -19.58 1.05
N GLY A 42 -12.80 -20.55 0.14
CA GLY A 42 -11.65 -21.05 -0.61
C GLY A 42 -11.17 -20.05 -1.66
N PRO A 43 -11.65 -20.23 -2.90
CA PRO A 43 -11.27 -19.35 -4.02
C PRO A 43 -11.86 -17.95 -3.87
N SER A 44 -13.17 -17.88 -3.64
CA SER A 44 -13.86 -16.61 -3.49
C SER A 44 -15.32 -16.82 -3.10
N SER A 45 -15.90 -15.84 -2.40
CA SER A 45 -17.28 -15.93 -1.97
C SER A 45 -18.20 -15.26 -2.98
N GLY A 46 -19.52 -15.43 -2.79
CA GLY A 46 -20.48 -14.84 -3.69
C GLY A 46 -20.59 -15.59 -5.00
ZN ZN B . -0.59 -2.03 0.70
N GLY A 1 -6.30 8.01 9.77
CA GLY A 1 -5.05 7.94 9.04
C GLY A 1 -3.88 7.54 9.93
N SER A 2 -3.86 8.07 11.15
CA SER A 2 -2.80 7.76 12.09
C SER A 2 -1.45 7.68 11.39
N SER A 3 -1.21 8.61 10.46
CA SER A 3 0.04 8.64 9.71
C SER A 3 0.99 9.69 10.28
N GLY A 4 1.92 9.24 11.12
CA GLY A 4 2.87 10.15 11.72
C GLY A 4 4.29 9.62 11.66
N SER A 5 4.91 9.73 10.49
CA SER A 5 6.28 9.25 10.30
C SER A 5 6.99 10.06 9.22
N SER A 6 8.28 10.29 9.41
CA SER A 6 9.08 11.04 8.45
C SER A 6 8.87 10.53 7.04
N GLY A 7 8.96 11.43 6.07
CA GLY A 7 8.77 11.04 4.68
C GLY A 7 9.92 11.46 3.80
N THR A 8 10.95 10.62 3.72
CA THR A 8 12.12 10.92 2.90
C THR A 8 11.84 10.67 1.43
N GLY A 9 11.52 11.73 0.69
CA GLY A 9 11.23 11.61 -0.72
C GLY A 9 10.13 10.60 -1.01
N GLU A 10 8.91 11.10 -1.12
CA GLU A 10 7.75 10.25 -1.38
C GLU A 10 7.77 9.75 -2.83
N LYS A 11 6.89 8.79 -3.13
CA LYS A 11 6.80 8.22 -4.47
C LYS A 11 5.48 8.59 -5.13
N PRO A 12 5.44 8.50 -6.46
CA PRO A 12 4.24 8.82 -7.24
C PRO A 12 3.12 7.79 -7.03
N PHE A 13 3.51 6.53 -6.93
CA PHE A 13 2.54 5.45 -6.73
C PHE A 13 2.45 5.07 -5.25
N GLU A 14 1.22 4.92 -4.76
CA GLU A 14 0.99 4.56 -3.37
C GLU A 14 -0.15 3.56 -3.24
N CYS A 15 -0.04 2.67 -2.26
CA CYS A 15 -1.07 1.66 -2.03
C CYS A 15 -2.39 2.31 -1.63
N SER A 16 -3.42 1.49 -1.42
CA SER A 16 -4.72 1.98 -1.03
C SER A 16 -5.12 1.46 0.35
N GLU A 17 -4.57 0.30 0.72
CA GLU A 17 -4.87 -0.31 2.01
C GLU A 17 -3.84 0.13 3.06
N CYS A 18 -2.59 -0.22 2.83
CA CYS A 18 -1.51 0.14 3.76
C CYS A 18 -0.93 1.50 3.41
N GLN A 19 -1.35 2.05 2.27
CA GLN A 19 -0.87 3.35 1.82
C GLN A 19 0.66 3.38 1.75
N LYS A 20 1.23 2.32 1.21
CA LYS A 20 2.68 2.21 1.10
C LYS A 20 3.18 2.95 -0.16
N ALA A 21 4.42 3.42 -0.10
CA ALA A 21 5.01 4.13 -1.23
C ALA A 21 5.72 3.17 -2.18
N PHE A 22 5.61 3.43 -3.47
CA PHE A 22 6.24 2.58 -4.48
C PHE A 22 6.82 3.43 -5.61
N ASN A 23 8.08 3.17 -5.94
CA ASN A 23 8.76 3.91 -7.01
C ASN A 23 8.00 3.78 -8.32
N THR A 24 7.69 2.54 -8.70
CA THR A 24 6.96 2.28 -9.94
C THR A 24 5.64 1.58 -9.66
N LYS A 25 4.67 1.77 -10.56
CA LYS A 25 3.36 1.16 -10.42
C LYS A 25 3.47 -0.36 -10.33
N SER A 26 4.15 -0.96 -11.31
CA SER A 26 4.32 -2.40 -11.34
C SER A 26 4.68 -2.94 -9.96
N ASN A 27 5.55 -2.22 -9.25
CA ASN A 27 5.97 -2.62 -7.93
C ASN A 27 4.79 -2.60 -6.94
N LEU A 28 4.03 -1.52 -6.97
CA LEU A 28 2.88 -1.37 -6.09
C LEU A 28 1.81 -2.42 -6.42
N ILE A 29 1.65 -2.71 -7.71
CA ILE A 29 0.67 -3.70 -8.16
C ILE A 29 0.95 -5.07 -7.56
N VAL A 30 2.21 -5.50 -7.67
CA VAL A 30 2.61 -6.80 -7.14
C VAL A 30 2.35 -6.89 -5.64
N HIS A 31 2.46 -5.75 -4.96
CA HIS A 31 2.22 -5.70 -3.52
C HIS A 31 0.73 -5.73 -3.21
N GLN A 32 -0.02 -4.80 -3.80
CA GLN A 32 -1.45 -4.74 -3.57
C GLN A 32 -2.06 -6.13 -3.42
N ARG A 33 -1.74 -7.00 -4.37
CA ARG A 33 -2.25 -8.37 -4.35
C ARG A 33 -2.23 -8.93 -2.92
N THR A 34 -1.10 -8.75 -2.24
CA THR A 34 -0.96 -9.24 -0.87
C THR A 34 -2.20 -8.97 -0.05
N HIS A 35 -2.80 -7.80 -0.24
CA HIS A 35 -4.01 -7.42 0.48
C HIS A 35 -5.21 -8.17 -0.06
N THR A 36 -5.36 -8.18 -1.38
CA THR A 36 -6.47 -8.87 -2.03
C THR A 36 -6.22 -10.37 -2.12
N GLY A 37 -6.82 -11.11 -1.20
CA GLY A 37 -6.65 -12.56 -1.19
C GLY A 37 -7.82 -13.28 -0.56
N GLU A 38 -8.73 -13.79 -1.38
CA GLU A 38 -9.91 -14.50 -0.90
C GLU A 38 -10.12 -15.79 -1.67
N LYS A 39 -10.57 -16.83 -0.98
CA LYS A 39 -10.82 -18.12 -1.61
C LYS A 39 -12.31 -18.34 -1.83
N PRO A 40 -12.65 -18.98 -2.95
CA PRO A 40 -14.05 -19.26 -3.31
C PRO A 40 -14.68 -20.31 -2.40
N SER A 41 -15.75 -19.91 -1.71
CA SER A 41 -16.45 -20.81 -0.80
C SER A 41 -17.46 -21.67 -1.56
N GLY A 42 -18.10 -22.59 -0.84
CA GLY A 42 -19.08 -23.46 -1.47
C GLY A 42 -20.49 -22.90 -1.37
N PRO A 43 -21.32 -23.53 -0.53
CA PRO A 43 -22.72 -23.10 -0.34
C PRO A 43 -22.81 -21.77 0.39
N SER A 44 -21.67 -21.18 0.71
CA SER A 44 -21.62 -19.90 1.41
C SER A 44 -21.95 -18.75 0.47
N SER A 45 -23.05 -18.88 -0.26
CA SER A 45 -23.46 -17.85 -1.21
C SER A 45 -24.89 -17.36 -0.89
N GLY A 46 -25.81 -18.30 -0.73
CA GLY A 46 -27.19 -17.96 -0.43
C GLY A 46 -27.28 -16.82 0.56
ZN ZN B . -0.35 -2.17 0.69
N GLY A 1 3.83 15.52 22.78
CA GLY A 1 5.01 16.12 22.19
C GLY A 1 5.30 15.57 20.79
N SER A 2 4.39 15.83 19.86
CA SER A 2 4.54 15.36 18.50
C SER A 2 5.52 16.25 17.72
N SER A 3 6.59 15.65 17.22
CA SER A 3 7.59 16.39 16.46
C SER A 3 7.88 15.70 15.13
N GLY A 4 7.98 16.50 14.07
CA GLY A 4 8.25 15.95 12.76
C GLY A 4 7.51 16.69 11.65
N SER A 5 8.25 17.11 10.62
CA SER A 5 7.65 17.83 9.51
C SER A 5 7.17 16.87 8.43
N SER A 6 5.90 17.00 8.07
CA SER A 6 5.30 16.13 7.05
C SER A 6 6.09 16.22 5.75
N GLY A 7 6.16 17.41 5.17
CA GLY A 7 6.87 17.60 3.93
C GLY A 7 6.02 17.34 2.71
N THR A 8 6.22 18.14 1.67
CA THR A 8 5.45 17.99 0.44
C THR A 8 6.17 17.08 -0.55
N GLY A 9 6.67 15.95 -0.06
CA GLY A 9 7.37 15.02 -0.92
C GLY A 9 6.89 13.59 -0.74
N GLU A 10 6.10 13.12 -1.70
CA GLU A 10 5.57 11.76 -1.63
C GLU A 10 5.88 11.00 -2.92
N LYS A 11 5.63 9.70 -2.91
CA LYS A 11 5.87 8.85 -4.07
C LYS A 11 4.75 8.97 -5.08
N PRO A 12 5.07 8.70 -6.36
CA PRO A 12 4.08 8.76 -7.45
C PRO A 12 3.04 7.65 -7.37
N PHE A 13 3.40 6.57 -6.69
CA PHE A 13 2.50 5.44 -6.52
C PHE A 13 2.35 5.05 -5.06
N GLU A 14 1.15 5.23 -4.51
CA GLU A 14 0.87 4.90 -3.13
C GLU A 14 -0.27 3.91 -3.01
N CYS A 15 -0.08 2.88 -2.19
CA CYS A 15 -1.11 1.86 -1.99
C CYS A 15 -2.41 2.48 -1.49
N SER A 16 -3.47 1.68 -1.51
CA SER A 16 -4.78 2.15 -1.06
C SER A 16 -5.15 1.53 0.28
N GLU A 17 -4.63 0.33 0.53
CA GLU A 17 -4.92 -0.37 1.77
C GLU A 17 -3.97 0.07 2.88
N CYS A 18 -2.69 -0.22 2.71
CA CYS A 18 -1.69 0.15 3.70
C CYS A 18 -1.15 1.55 3.43
N GLN A 19 -1.37 2.04 2.22
CA GLN A 19 -0.91 3.37 1.83
C GLN A 19 0.61 3.43 1.79
N LYS A 20 1.23 2.31 1.42
CA LYS A 20 2.69 2.23 1.35
C LYS A 20 3.22 3.09 0.21
N ALA A 21 4.51 3.36 0.23
CA ALA A 21 5.14 4.18 -0.80
C ALA A 21 5.95 3.31 -1.76
N PHE A 22 5.73 3.53 -3.06
CA PHE A 22 6.44 2.77 -4.09
C PHE A 22 7.01 3.70 -5.16
N ASN A 23 8.01 3.21 -5.88
CA ASN A 23 8.65 4.00 -6.93
C ASN A 23 8.00 3.71 -8.28
N THR A 24 7.81 2.44 -8.58
CA THR A 24 7.20 2.02 -9.84
C THR A 24 5.82 1.41 -9.62
N LYS A 25 4.95 1.54 -10.61
CA LYS A 25 3.60 1.00 -10.53
C LYS A 25 3.63 -0.53 -10.51
N SER A 26 4.20 -1.12 -11.56
CA SER A 26 4.30 -2.56 -11.67
C SER A 26 4.58 -3.20 -10.32
N ASN A 27 5.54 -2.63 -9.59
CA ASN A 27 5.91 -3.14 -8.27
C ASN A 27 4.75 -2.98 -7.29
N LEU A 28 4.07 -1.85 -7.36
CA LEU A 28 2.93 -1.57 -6.48
C LEU A 28 1.81 -2.57 -6.71
N ILE A 29 1.40 -2.71 -7.96
CA ILE A 29 0.33 -3.65 -8.32
C ILE A 29 0.57 -5.02 -7.72
N VAL A 30 1.77 -5.56 -7.94
CA VAL A 30 2.14 -6.87 -7.42
C VAL A 30 2.10 -6.88 -5.89
N HIS A 31 2.29 -5.70 -5.29
CA HIS A 31 2.28 -5.58 -3.84
C HIS A 31 0.85 -5.60 -3.29
N GLN A 32 0.00 -4.75 -3.87
CA GLN A 32 -1.40 -4.67 -3.44
C GLN A 32 -1.98 -6.06 -3.22
N ARG A 33 -1.64 -6.98 -4.13
CA ARG A 33 -2.14 -8.35 -4.04
C ARG A 33 -1.88 -8.93 -2.66
N THR A 34 -0.72 -8.62 -2.09
CA THR A 34 -0.35 -9.11 -0.76
C THR A 34 -1.52 -9.01 0.20
N HIS A 35 -2.32 -7.96 0.05
CA HIS A 35 -3.47 -7.75 0.91
C HIS A 35 -4.69 -8.50 0.39
N THR A 36 -4.57 -9.82 0.31
CA THR A 36 -5.67 -10.66 -0.17
C THR A 36 -7.02 -10.08 0.22
N GLY A 37 -7.99 -10.20 -0.67
CA GLY A 37 -9.32 -9.68 -0.41
C GLY A 37 -10.32 -10.78 -0.10
N GLU A 38 -10.06 -11.53 0.97
CA GLU A 38 -10.94 -12.62 1.36
C GLU A 38 -11.59 -12.34 2.72
N LYS A 39 -12.26 -11.20 2.81
CA LYS A 39 -12.93 -10.81 4.05
C LYS A 39 -14.42 -10.57 3.82
N PRO A 40 -15.17 -11.66 3.63
CA PRO A 40 -16.62 -11.60 3.40
C PRO A 40 -17.39 -11.17 4.64
N SER A 41 -17.51 -9.85 4.81
CA SER A 41 -18.23 -9.31 5.97
C SER A 41 -19.28 -8.30 5.53
N GLY A 42 -20.48 -8.42 6.11
CA GLY A 42 -21.56 -7.52 5.76
C GLY A 42 -21.06 -6.13 5.41
N PRO A 43 -20.90 -5.86 4.10
CA PRO A 43 -20.43 -4.56 3.61
C PRO A 43 -21.46 -3.46 3.81
N SER A 44 -21.01 -2.21 3.75
CA SER A 44 -21.90 -1.07 3.92
C SER A 44 -21.75 -0.08 2.75
N SER A 45 -22.58 0.96 2.77
CA SER A 45 -22.54 1.97 1.71
C SER A 45 -21.11 2.45 1.47
N GLY A 46 -20.46 2.90 2.54
CA GLY A 46 -19.10 3.39 2.43
C GLY A 46 -19.03 4.91 2.37
ZN ZN B . -0.25 -2.12 0.43
N GLY A 1 4.90 20.00 24.24
CA GLY A 1 5.71 18.85 23.92
C GLY A 1 6.55 19.05 22.68
N SER A 2 6.71 18.00 21.89
CA SER A 2 7.49 18.06 20.66
C SER A 2 6.86 17.23 19.55
N SER A 3 7.28 17.47 18.32
CA SER A 3 6.75 16.73 17.17
C SER A 3 7.65 16.91 15.95
N GLY A 4 7.66 15.91 15.08
CA GLY A 4 8.48 15.98 13.88
C GLY A 4 8.63 14.63 13.20
N SER A 5 8.12 14.53 11.98
CA SER A 5 8.19 13.29 11.21
C SER A 5 8.92 13.50 9.89
N SER A 6 9.19 12.40 9.20
CA SER A 6 9.90 12.46 7.92
C SER A 6 8.94 12.85 6.79
N GLY A 7 9.45 13.62 5.84
CA GLY A 7 8.63 14.06 4.72
C GLY A 7 9.41 14.89 3.72
N THR A 8 10.47 14.30 3.17
CA THR A 8 11.30 15.00 2.19
C THR A 8 10.62 15.04 0.82
N GLY A 9 10.29 13.87 0.30
CA GLY A 9 9.64 13.80 -1.00
C GLY A 9 8.38 12.98 -0.98
N GLU A 10 7.72 12.86 -2.12
CA GLU A 10 6.48 12.09 -2.22
C GLU A 10 6.52 11.16 -3.43
N LYS A 11 5.95 9.97 -3.27
CA LYS A 11 5.91 9.00 -4.35
C LYS A 11 4.58 9.06 -5.10
N PRO A 12 4.64 8.87 -6.43
CA PRO A 12 3.45 8.90 -7.28
C PRO A 12 2.54 7.70 -7.05
N PHE A 13 3.13 6.57 -6.69
CA PHE A 13 2.36 5.36 -6.44
C PHE A 13 2.22 5.10 -4.95
N GLU A 14 0.98 5.02 -4.47
CA GLU A 14 0.72 4.78 -3.07
C GLU A 14 -0.44 3.81 -2.88
N CYS A 15 -0.25 2.80 -2.04
CA CYS A 15 -1.28 1.81 -1.78
C CYS A 15 -2.54 2.46 -1.22
N SER A 16 -3.64 1.71 -1.21
CA SER A 16 -4.90 2.22 -0.69
C SER A 16 -5.22 1.63 0.67
N GLU A 17 -4.64 0.47 0.96
CA GLU A 17 -4.85 -0.20 2.23
C GLU A 17 -3.83 0.26 3.27
N CYS A 18 -2.57 -0.13 3.06
CA CYS A 18 -1.50 0.24 3.97
C CYS A 18 -0.95 1.62 3.63
N GLN A 19 -1.26 2.10 2.44
CA GLN A 19 -0.80 3.40 1.99
C GLN A 19 0.72 3.44 1.90
N LYS A 20 1.31 2.36 1.36
CA LYS A 20 2.75 2.28 1.21
C LYS A 20 3.23 3.06 0.00
N ALA A 21 4.46 3.57 0.07
CA ALA A 21 5.04 4.33 -1.03
C ALA A 21 5.81 3.42 -1.98
N PHE A 22 5.64 3.67 -3.28
CA PHE A 22 6.32 2.87 -4.29
C PHE A 22 6.91 3.76 -5.38
N ASN A 23 7.93 3.25 -6.06
CA ASN A 23 8.60 4.00 -7.12
C ASN A 23 8.01 3.64 -8.49
N THR A 24 7.90 2.34 -8.75
CA THR A 24 7.36 1.87 -10.02
C THR A 24 5.99 1.24 -9.82
N LYS A 25 5.12 1.42 -10.82
CA LYS A 25 3.77 0.86 -10.76
C LYS A 25 3.81 -0.66 -10.63
N SER A 26 4.47 -1.32 -11.57
CA SER A 26 4.59 -2.77 -11.55
C SER A 26 4.85 -3.28 -10.14
N ASN A 27 5.89 -2.75 -9.50
CA ASN A 27 6.25 -3.15 -8.15
C ASN A 27 5.04 -3.07 -7.22
N LEU A 28 4.39 -1.92 -7.21
CA LEU A 28 3.21 -1.71 -6.37
C LEU A 28 2.14 -2.75 -6.66
N ILE A 29 1.74 -2.83 -7.93
CA ILE A 29 0.72 -3.79 -8.34
C ILE A 29 0.94 -5.15 -7.69
N VAL A 30 2.15 -5.68 -7.84
CA VAL A 30 2.49 -6.97 -7.25
C VAL A 30 2.22 -6.99 -5.75
N HIS A 31 2.44 -5.85 -5.10
CA HIS A 31 2.22 -5.73 -3.67
C HIS A 31 0.73 -5.66 -3.35
N GLN A 32 0.06 -4.66 -3.93
CA GLN A 32 -1.37 -4.48 -3.70
C GLN A 32 -2.08 -5.83 -3.62
N ARG A 33 -1.74 -6.73 -4.52
CA ARG A 33 -2.35 -8.06 -4.55
C ARG A 33 -2.33 -8.69 -3.17
N THR A 34 -1.19 -8.60 -2.49
CA THR A 34 -1.04 -9.17 -1.16
C THR A 34 -2.24 -8.82 -0.28
N HIS A 35 -2.88 -7.70 -0.57
CA HIS A 35 -4.04 -7.25 0.19
C HIS A 35 -5.30 -7.99 -0.26
N THR A 36 -5.59 -7.94 -1.55
CA THR A 36 -6.76 -8.60 -2.12
C THR A 36 -6.59 -10.12 -2.10
N GLY A 37 -7.61 -10.81 -1.62
CA GLY A 37 -7.55 -12.27 -1.57
C GLY A 37 -8.54 -12.92 -2.52
N GLU A 38 -8.61 -14.25 -2.47
CA GLU A 38 -9.53 -14.98 -3.33
C GLU A 38 -10.30 -16.03 -2.53
N LYS A 39 -11.40 -16.51 -3.10
CA LYS A 39 -12.24 -17.51 -2.45
C LYS A 39 -12.20 -17.34 -0.94
N PRO A 40 -12.51 -16.12 -0.47
CA PRO A 40 -12.52 -15.79 0.96
C PRO A 40 -13.67 -16.48 1.69
N SER A 41 -13.62 -16.44 3.02
CA SER A 41 -14.66 -17.06 3.84
C SER A 41 -16.03 -16.89 3.20
N GLY A 42 -16.52 -17.94 2.57
CA GLY A 42 -17.82 -17.89 1.93
C GLY A 42 -18.61 -19.18 2.11
N PRO A 43 -19.93 -19.11 1.86
CA PRO A 43 -20.83 -20.25 2.00
C PRO A 43 -20.57 -21.31 0.92
N SER A 44 -19.89 -22.38 1.31
CA SER A 44 -19.59 -23.46 0.37
C SER A 44 -20.77 -23.73 -0.55
N SER A 45 -20.47 -24.07 -1.81
CA SER A 45 -21.51 -24.34 -2.78
C SER A 45 -22.00 -25.79 -2.67
N GLY A 46 -21.05 -26.72 -2.57
CA GLY A 46 -21.40 -28.12 -2.45
C GLY A 46 -22.10 -28.44 -1.14
ZN ZN B . -0.48 -2.13 0.68
N GLY A 1 -7.76 25.40 8.57
CA GLY A 1 -6.64 24.96 9.38
C GLY A 1 -5.96 23.73 8.81
N SER A 2 -5.55 23.81 7.54
CA SER A 2 -4.88 22.71 6.87
C SER A 2 -3.60 23.16 6.18
N SER A 3 -2.51 23.19 6.93
CA SER A 3 -1.23 23.62 6.39
C SER A 3 -0.15 22.58 6.65
N GLY A 4 -0.51 21.30 6.47
CA GLY A 4 0.44 20.23 6.69
C GLY A 4 -0.22 18.98 7.23
N SER A 5 0.27 17.81 6.80
CA SER A 5 -0.28 16.54 7.25
C SER A 5 0.82 15.51 7.45
N SER A 6 0.46 14.38 8.05
CA SER A 6 1.42 13.31 8.31
C SER A 6 2.17 12.93 7.04
N GLY A 7 3.47 13.21 7.02
CA GLY A 7 4.28 12.89 5.85
C GLY A 7 3.96 13.77 4.67
N THR A 8 5.00 14.25 3.98
CA THR A 8 4.81 15.10 2.82
C THR A 8 4.15 14.34 1.67
N GLY A 9 4.74 13.21 1.31
CA GLY A 9 4.19 12.40 0.23
C GLY A 9 5.04 12.46 -1.03
N GLU A 10 6.23 11.89 -0.96
CA GLU A 10 7.15 11.88 -2.09
C GLU A 10 7.18 10.50 -2.75
N LYS A 11 6.19 10.22 -3.58
CA LYS A 11 6.10 8.94 -4.28
C LYS A 11 5.17 9.03 -5.47
N PRO A 12 5.56 8.37 -6.58
CA PRO A 12 4.76 8.36 -7.81
C PRO A 12 3.48 7.56 -7.66
N PHE A 13 3.50 6.56 -6.78
CA PHE A 13 2.34 5.72 -6.55
C PHE A 13 2.21 5.36 -5.07
N GLU A 14 0.98 5.08 -4.64
CA GLU A 14 0.73 4.74 -3.25
C GLU A 14 -0.31 3.62 -3.15
N CYS A 15 -0.20 2.81 -2.11
CA CYS A 15 -1.13 1.70 -1.90
C CYS A 15 -2.51 2.21 -1.50
N SER A 16 -3.47 1.30 -1.39
CA SER A 16 -4.83 1.66 -1.01
C SER A 16 -5.17 1.13 0.38
N GLU A 17 -4.57 -0.01 0.72
CA GLU A 17 -4.82 -0.63 2.02
C GLU A 17 -3.90 -0.04 3.09
N CYS A 18 -2.60 -0.26 2.92
CA CYS A 18 -1.61 0.25 3.87
C CYS A 18 -1.09 1.60 3.42
N GLN A 19 -1.46 2.02 2.22
CA GLN A 19 -1.02 3.30 1.69
C GLN A 19 0.50 3.41 1.69
N LYS A 20 1.17 2.33 1.29
CA LYS A 20 2.62 2.30 1.24
C LYS A 20 3.15 3.10 0.07
N ALA A 21 4.40 3.52 0.16
CA ALA A 21 5.02 4.31 -0.90
C ALA A 21 5.92 3.43 -1.78
N PHE A 22 5.73 3.54 -3.09
CA PHE A 22 6.51 2.75 -4.03
C PHE A 22 7.18 3.65 -5.06
N ASN A 23 7.98 3.05 -5.94
CA ASN A 23 8.69 3.80 -6.98
C ASN A 23 8.01 3.62 -8.33
N THR A 24 7.78 2.37 -8.70
CA THR A 24 7.14 2.06 -9.98
C THR A 24 5.75 1.46 -9.77
N LYS A 25 4.86 1.71 -10.72
CA LYS A 25 3.50 1.18 -10.64
C LYS A 25 3.49 -0.33 -10.55
N SER A 26 4.19 -0.97 -11.49
CA SER A 26 4.27 -2.43 -11.52
C SER A 26 4.53 -3.00 -10.12
N ASN A 27 5.61 -2.54 -9.50
CA ASN A 27 5.98 -2.99 -8.16
C ASN A 27 4.80 -2.84 -7.20
N LEU A 28 4.12 -1.70 -7.27
CA LEU A 28 2.98 -1.43 -6.41
C LEU A 28 1.89 -2.48 -6.61
N ILE A 29 1.45 -2.64 -7.85
CA ILE A 29 0.41 -3.61 -8.17
C ILE A 29 0.73 -4.98 -7.58
N VAL A 30 1.95 -5.45 -7.82
CA VAL A 30 2.37 -6.75 -7.29
C VAL A 30 2.22 -6.80 -5.77
N HIS A 31 2.27 -5.64 -5.13
CA HIS A 31 2.14 -5.56 -3.68
C HIS A 31 0.67 -5.57 -3.28
N GLN A 32 -0.09 -4.61 -3.80
CA GLN A 32 -1.51 -4.49 -3.49
C GLN A 32 -2.14 -5.88 -3.33
N ARG A 33 -1.71 -6.82 -4.16
CA ARG A 33 -2.23 -8.18 -4.11
C ARG A 33 -2.03 -8.79 -2.73
N THR A 34 -0.81 -8.65 -2.21
CA THR A 34 -0.49 -9.19 -0.88
C THR A 34 -1.61 -8.93 0.11
N HIS A 35 -2.39 -7.88 -0.15
CA HIS A 35 -3.50 -7.52 0.72
C HIS A 35 -4.72 -8.39 0.45
N THR A 36 -5.01 -8.60 -0.84
CA THR A 36 -6.15 -9.42 -1.24
C THR A 36 -5.71 -10.80 -1.68
N GLY A 37 -5.47 -11.69 -0.72
CA GLY A 37 -5.04 -13.04 -1.03
C GLY A 37 -4.50 -13.77 0.18
N GLU A 38 -5.20 -14.81 0.61
CA GLU A 38 -4.78 -15.59 1.77
C GLU A 38 -5.60 -16.88 1.88
N LYS A 39 -5.11 -17.81 2.70
CA LYS A 39 -5.80 -19.08 2.90
C LYS A 39 -6.52 -19.11 4.25
N PRO A 40 -7.80 -19.49 4.23
CA PRO A 40 -8.62 -19.56 5.44
C PRO A 40 -8.19 -20.70 6.36
N SER A 41 -7.13 -21.41 5.97
CA SER A 41 -6.63 -22.52 6.75
C SER A 41 -5.46 -22.08 7.64
N GLY A 42 -4.38 -21.63 7.01
CA GLY A 42 -3.22 -21.20 7.76
C GLY A 42 -1.98 -21.97 7.40
N PRO A 43 -1.68 -23.01 8.20
CA PRO A 43 -0.49 -23.86 7.99
C PRO A 43 -0.62 -24.72 6.73
N SER A 44 -1.85 -25.10 6.40
CA SER A 44 -2.11 -25.92 5.23
C SER A 44 -1.53 -27.32 5.42
N SER A 45 -1.71 -27.88 6.62
CA SER A 45 -1.20 -29.20 6.92
C SER A 45 -1.63 -30.21 5.86
N GLY A 46 -0.81 -31.25 5.68
CA GLY A 46 -1.12 -32.26 4.69
C GLY A 46 -2.59 -32.64 4.68
ZN ZN B . -0.34 -2.10 0.77
N GLY A 1 0.21 24.98 18.25
CA GLY A 1 0.45 23.74 17.55
C GLY A 1 1.91 23.53 17.20
N SER A 2 2.58 22.65 17.94
CA SER A 2 3.98 22.37 17.71
C SER A 2 4.16 21.39 16.55
N SER A 3 4.20 21.92 15.33
CA SER A 3 4.36 21.08 14.14
C SER A 3 5.80 21.12 13.65
N GLY A 4 6.11 20.26 12.68
CA GLY A 4 7.45 20.21 12.14
C GLY A 4 7.51 19.47 10.82
N SER A 5 6.89 18.29 10.77
CA SER A 5 6.88 17.49 9.56
C SER A 5 5.69 17.85 8.67
N SER A 6 5.98 18.25 7.43
CA SER A 6 4.94 18.62 6.48
C SER A 6 4.76 17.55 5.42
N GLY A 7 5.88 17.06 4.88
CA GLY A 7 5.82 16.03 3.86
C GLY A 7 7.18 15.39 3.61
N THR A 8 7.25 14.08 3.80
CA THR A 8 8.50 13.35 3.59
C THR A 8 8.61 12.85 2.15
N GLY A 9 8.19 13.69 1.20
CA GLY A 9 8.26 13.31 -0.20
C GLY A 9 7.05 12.52 -0.64
N GLU A 10 6.51 12.85 -1.82
CA GLU A 10 5.36 12.16 -2.36
C GLU A 10 5.74 11.28 -3.54
N LYS A 11 5.42 10.00 -3.44
CA LYS A 11 5.73 9.05 -4.51
C LYS A 11 4.65 9.05 -5.58
N PRO A 12 5.01 8.61 -6.79
CA PRO A 12 4.09 8.55 -7.93
C PRO A 12 3.00 7.49 -7.74
N PHE A 13 3.30 6.49 -6.92
CA PHE A 13 2.36 5.41 -6.67
C PHE A 13 2.27 5.11 -5.18
N GLU A 14 1.05 4.97 -4.67
CA GLU A 14 0.83 4.68 -3.26
C GLU A 14 -0.25 3.61 -3.08
N CYS A 15 -0.04 2.74 -2.10
CA CYS A 15 -0.98 1.65 -1.83
C CYS A 15 -2.32 2.22 -1.35
N SER A 16 -3.33 1.35 -1.27
CA SER A 16 -4.66 1.75 -0.84
C SER A 16 -4.99 1.16 0.53
N GLU A 17 -4.42 -0.01 0.81
CA GLU A 17 -4.65 -0.68 2.09
C GLU A 17 -3.79 -0.06 3.19
N CYS A 18 -2.47 -0.23 3.06
CA CYS A 18 -1.54 0.30 4.05
C CYS A 18 -1.10 1.71 3.67
N GLN A 19 -1.27 2.06 2.40
CA GLN A 19 -0.90 3.38 1.91
C GLN A 19 0.62 3.54 1.92
N LYS A 20 1.32 2.54 1.41
CA LYS A 20 2.78 2.58 1.37
C LYS A 20 3.27 3.33 0.13
N ALA A 21 4.48 3.88 0.21
CA ALA A 21 5.06 4.62 -0.89
C ALA A 21 5.87 3.71 -1.81
N PHE A 22 5.72 3.90 -3.12
CA PHE A 22 6.44 3.08 -4.09
C PHE A 22 7.03 3.96 -5.19
N ASN A 23 7.91 3.38 -6.00
CA ASN A 23 8.54 4.10 -7.09
C ASN A 23 7.95 3.69 -8.43
N THR A 24 7.79 2.39 -8.63
CA THR A 24 7.23 1.86 -9.87
C THR A 24 5.85 1.25 -9.64
N LYS A 25 4.99 1.36 -10.65
CA LYS A 25 3.64 0.82 -10.56
C LYS A 25 3.67 -0.69 -10.45
N SER A 26 4.29 -1.36 -11.43
CA SER A 26 4.39 -2.81 -11.45
C SER A 26 4.69 -3.34 -10.05
N ASN A 27 5.63 -2.70 -9.37
CA ASN A 27 6.02 -3.11 -8.02
C ASN A 27 4.85 -2.95 -7.06
N LEU A 28 4.13 -1.84 -7.17
CA LEU A 28 2.99 -1.57 -6.30
C LEU A 28 1.90 -2.62 -6.50
N ILE A 29 1.47 -2.79 -7.74
CA ILE A 29 0.43 -3.76 -8.07
C ILE A 29 0.67 -5.08 -7.34
N VAL A 30 1.88 -5.60 -7.46
CA VAL A 30 2.24 -6.86 -6.81
C VAL A 30 2.07 -6.77 -5.29
N HIS A 31 2.35 -5.58 -4.75
CA HIS A 31 2.23 -5.35 -3.32
C HIS A 31 0.78 -5.10 -2.93
N GLN A 32 -0.02 -4.65 -3.89
CA GLN A 32 -1.43 -4.37 -3.64
C GLN A 32 -2.27 -5.64 -3.73
N ARG A 33 -1.86 -6.55 -4.62
CA ARG A 33 -2.57 -7.80 -4.81
C ARG A 33 -2.37 -8.73 -3.61
N THR A 34 -1.13 -8.84 -3.16
CA THR A 34 -0.81 -9.70 -2.02
C THR A 34 -1.65 -9.33 -0.81
N HIS A 35 -1.99 -8.05 -0.69
CA HIS A 35 -2.80 -7.57 0.44
C HIS A 35 -4.10 -8.35 0.53
N THR A 36 -4.93 -8.26 -0.51
CA THR A 36 -6.21 -8.95 -0.53
C THR A 36 -6.89 -8.89 0.83
N GLY A 37 -6.77 -7.76 1.50
CA GLY A 37 -7.39 -7.59 2.81
C GLY A 37 -8.72 -6.86 2.74
N GLU A 38 -9.30 -6.58 3.90
CA GLU A 38 -10.58 -5.90 3.95
C GLU A 38 -10.55 -4.62 3.11
N LYS A 39 -11.52 -4.51 2.20
CA LYS A 39 -11.61 -3.34 1.33
C LYS A 39 -12.57 -2.30 1.91
N PRO A 40 -12.21 -1.02 1.73
CA PRO A 40 -13.02 0.10 2.24
C PRO A 40 -14.34 0.25 1.47
N SER A 41 -15.45 -0.08 2.13
CA SER A 41 -16.75 0.02 1.51
C SER A 41 -16.96 1.41 0.90
N GLY A 42 -17.52 1.44 -0.31
CA GLY A 42 -17.77 2.70 -0.99
C GLY A 42 -18.85 2.59 -2.04
N PRO A 43 -18.75 3.43 -3.09
CA PRO A 43 -19.71 3.44 -4.20
C PRO A 43 -19.61 2.19 -5.07
N SER A 44 -18.74 1.27 -4.67
CA SER A 44 -18.55 0.04 -5.42
C SER A 44 -19.80 -0.84 -5.35
N SER A 45 -20.46 -1.01 -6.49
CA SER A 45 -21.67 -1.81 -6.57
C SER A 45 -21.43 -3.09 -7.38
N GLY A 46 -21.07 -4.16 -6.69
CA GLY A 46 -20.82 -5.43 -7.37
C GLY A 46 -21.62 -6.57 -6.78
ZN ZN B . 0.11 -1.98 0.96
N GLY A 1 1.73 13.87 21.58
CA GLY A 1 2.47 15.05 21.15
C GLY A 1 3.89 14.73 20.73
N SER A 2 4.10 14.59 19.42
CA SER A 2 5.42 14.28 18.89
C SER A 2 5.69 15.06 17.61
N SER A 3 6.94 15.51 17.44
CA SER A 3 7.32 16.27 16.26
C SER A 3 8.14 15.40 15.31
N GLY A 4 7.54 15.07 14.16
CA GLY A 4 8.23 14.25 13.17
C GLY A 4 7.51 14.21 11.84
N SER A 5 7.42 15.37 11.18
CA SER A 5 6.74 15.46 9.90
C SER A 5 6.97 14.20 9.07
N SER A 6 5.90 13.45 8.83
CA SER A 6 5.98 12.22 8.06
C SER A 6 5.89 12.50 6.57
N GLY A 7 4.85 13.25 6.18
CA GLY A 7 4.66 13.60 4.79
C GLY A 7 3.58 12.76 4.13
N THR A 8 2.84 13.36 3.21
CA THR A 8 1.77 12.66 2.50
C THR A 8 2.32 11.84 1.35
N GLY A 9 3.43 11.16 1.59
CA GLY A 9 4.04 10.34 0.56
C GLY A 9 4.43 11.14 -0.66
N GLU A 10 5.73 11.18 -0.96
CA GLU A 10 6.23 11.91 -2.11
C GLU A 10 6.54 10.97 -3.27
N LYS A 11 5.65 10.01 -3.50
CA LYS A 11 5.83 9.05 -4.58
C LYS A 11 4.66 9.11 -5.56
N PRO A 12 4.92 8.74 -6.82
CA PRO A 12 3.91 8.73 -7.88
C PRO A 12 2.87 7.64 -7.68
N PHE A 13 3.27 6.57 -7.01
CA PHE A 13 2.37 5.44 -6.75
C PHE A 13 2.29 5.14 -5.26
N GLU A 14 1.08 4.96 -4.76
CA GLU A 14 0.88 4.66 -3.35
C GLU A 14 -0.19 3.58 -3.16
N CYS A 15 -0.01 2.74 -2.16
CA CYS A 15 -0.94 1.67 -1.87
C CYS A 15 -2.32 2.22 -1.51
N SER A 16 -3.29 1.33 -1.33
CA SER A 16 -4.64 1.72 -0.98
C SER A 16 -5.06 1.14 0.37
N GLU A 17 -4.39 0.06 0.76
CA GLU A 17 -4.69 -0.60 2.03
C GLU A 17 -3.78 -0.07 3.14
N CYS A 18 -2.48 -0.33 3.00
CA CYS A 18 -1.50 0.11 3.99
C CYS A 18 -1.03 1.53 3.68
N GLN A 19 -1.29 1.99 2.46
CA GLN A 19 -0.90 3.33 2.05
C GLN A 19 0.62 3.49 2.09
N LYS A 20 1.32 2.60 1.39
CA LYS A 20 2.77 2.63 1.35
C LYS A 20 3.26 3.34 0.09
N ALA A 21 4.43 3.97 0.17
CA ALA A 21 5.01 4.67 -0.96
C ALA A 21 5.90 3.76 -1.79
N PHE A 22 5.81 3.88 -3.10
CA PHE A 22 6.60 3.06 -4.01
C PHE A 22 7.24 3.91 -5.11
N ASN A 23 8.05 3.28 -5.95
CA ASN A 23 8.72 3.98 -7.04
C ASN A 23 8.05 3.67 -8.38
N THR A 24 7.84 2.38 -8.64
CA THR A 24 7.20 1.95 -9.87
C THR A 24 5.84 1.33 -9.62
N LYS A 25 4.93 1.48 -10.57
CA LYS A 25 3.58 0.94 -10.44
C LYS A 25 3.61 -0.59 -10.42
N SER A 26 4.29 -1.17 -11.41
CA SER A 26 4.39 -2.62 -11.51
C SER A 26 4.69 -3.24 -10.15
N ASN A 27 5.64 -2.64 -9.44
CA ASN A 27 6.03 -3.15 -8.12
C ASN A 27 4.87 -3.02 -7.14
N LEU A 28 4.17 -1.89 -7.19
CA LEU A 28 3.04 -1.65 -6.30
C LEU A 28 1.94 -2.69 -6.51
N ILE A 29 1.48 -2.81 -7.75
CA ILE A 29 0.43 -3.76 -8.09
C ILE A 29 0.63 -5.07 -7.35
N VAL A 30 1.82 -5.65 -7.50
CA VAL A 30 2.14 -6.92 -6.84
C VAL A 30 2.04 -6.79 -5.32
N HIS A 31 2.35 -5.59 -4.81
CA HIS A 31 2.30 -5.35 -3.38
C HIS A 31 0.87 -5.09 -2.93
N GLN A 32 0.00 -4.76 -3.88
CA GLN A 32 -1.40 -4.49 -3.58
C GLN A 32 -2.21 -5.78 -3.58
N ARG A 33 -1.94 -6.65 -4.56
CA ARG A 33 -2.66 -7.91 -4.67
C ARG A 33 -2.47 -8.76 -3.41
N THR A 34 -1.22 -8.86 -2.95
CA THR A 34 -0.92 -9.63 -1.76
C THR A 34 -1.85 -9.28 -0.61
N HIS A 35 -2.14 -7.99 -0.47
CA HIS A 35 -3.02 -7.52 0.59
C HIS A 35 -4.37 -8.24 0.54
N THR A 36 -5.11 -8.03 -0.55
CA THR A 36 -6.41 -8.65 -0.72
C THR A 36 -6.28 -10.18 -0.85
N GLY A 37 -5.49 -10.61 -1.83
CA GLY A 37 -5.31 -12.03 -2.04
C GLY A 37 -4.63 -12.71 -0.85
N GLU A 38 -4.89 -14.00 -0.69
CA GLU A 38 -4.31 -14.75 0.41
C GLU A 38 -4.49 -14.03 1.74
N LYS A 39 -5.68 -13.47 1.93
CA LYS A 39 -6.00 -12.74 3.15
C LYS A 39 -5.81 -13.63 4.38
N PRO A 40 -5.33 -13.04 5.48
CA PRO A 40 -5.11 -13.77 6.74
C PRO A 40 -6.41 -14.19 7.41
N SER A 41 -6.30 -15.12 8.35
CA SER A 41 -7.47 -15.61 9.07
C SER A 41 -7.94 -14.60 10.10
N GLY A 42 -9.13 -14.05 9.88
CA GLY A 42 -9.68 -13.07 10.80
C GLY A 42 -11.02 -13.49 11.36
N PRO A 43 -11.02 -14.52 12.22
CA PRO A 43 -12.25 -15.04 12.83
C PRO A 43 -12.83 -14.07 13.86
N SER A 44 -13.80 -13.27 13.42
CA SER A 44 -14.44 -12.29 14.29
C SER A 44 -15.84 -11.97 13.81
N SER A 45 -16.77 -11.81 14.75
CA SER A 45 -18.16 -11.50 14.41
C SER A 45 -18.47 -10.03 14.67
N GLY A 46 -18.19 -9.19 13.67
CA GLY A 46 -18.44 -7.77 13.80
C GLY A 46 -17.36 -7.07 14.61
ZN ZN B . 0.28 -2.02 0.77
N GLY A 1 -0.92 30.72 14.53
CA GLY A 1 0.28 30.28 13.86
C GLY A 1 0.56 28.80 14.06
N SER A 2 0.47 28.03 12.99
CA SER A 2 0.72 26.59 13.05
C SER A 2 1.99 26.21 12.31
N SER A 3 3.11 26.27 13.02
CA SER A 3 4.41 25.94 12.42
C SER A 3 4.68 24.44 12.54
N GLY A 4 4.98 23.82 11.40
CA GLY A 4 5.27 22.39 11.39
C GLY A 4 6.21 21.99 10.27
N SER A 5 6.54 20.70 10.21
CA SER A 5 7.43 20.20 9.18
C SER A 5 6.70 20.02 7.86
N SER A 6 7.44 20.12 6.75
CA SER A 6 6.86 19.97 5.43
C SER A 6 6.90 18.51 4.97
N GLY A 7 5.74 17.95 4.67
CA GLY A 7 5.66 16.57 4.24
C GLY A 7 6.56 16.29 3.04
N THR A 8 7.76 15.80 3.31
CA THR A 8 8.71 15.49 2.26
C THR A 8 8.71 14.01 1.92
N GLY A 9 9.26 13.67 0.76
CA GLY A 9 9.30 12.28 0.35
C GLY A 9 7.98 11.79 -0.22
N GLU A 10 7.57 12.37 -1.34
CA GLU A 10 6.32 11.99 -1.99
C GLU A 10 6.58 11.09 -3.19
N LYS A 11 5.94 9.93 -3.20
CA LYS A 11 6.09 8.97 -4.29
C LYS A 11 4.94 9.09 -5.27
N PRO A 12 5.20 8.72 -6.54
CA PRO A 12 4.19 8.76 -7.60
C PRO A 12 3.11 7.71 -7.43
N PHE A 13 3.47 6.60 -6.78
CA PHE A 13 2.53 5.51 -6.55
C PHE A 13 2.42 5.21 -5.06
N GLU A 14 1.19 5.20 -4.56
CA GLU A 14 0.93 4.92 -3.15
C GLU A 14 -0.22 3.95 -2.98
N CYS A 15 0.02 2.85 -2.28
CA CYS A 15 -1.00 1.84 -2.04
C CYS A 15 -2.31 2.48 -1.58
N SER A 16 -3.34 1.67 -1.44
CA SER A 16 -4.65 2.16 -1.01
C SER A 16 -5.09 1.48 0.28
N GLU A 17 -4.58 0.28 0.51
CA GLU A 17 -4.92 -0.48 1.71
C GLU A 17 -4.02 -0.08 2.88
N CYS A 18 -2.72 -0.23 2.70
CA CYS A 18 -1.76 0.11 3.74
C CYS A 18 -1.24 1.54 3.55
N GLN A 19 -1.35 2.04 2.33
CA GLN A 19 -0.90 3.40 2.02
C GLN A 19 0.61 3.47 2.03
N LYS A 20 1.26 2.53 1.34
CA LYS A 20 2.71 2.50 1.28
C LYS A 20 3.23 3.34 0.12
N ALA A 21 4.51 3.69 0.17
CA ALA A 21 5.13 4.48 -0.88
C ALA A 21 6.01 3.63 -1.79
N PHE A 22 5.64 3.55 -3.06
CA PHE A 22 6.40 2.77 -4.02
C PHE A 22 7.04 3.67 -5.08
N ASN A 23 7.89 3.07 -5.92
CA ASN A 23 8.57 3.82 -6.97
C ASN A 23 7.91 3.59 -8.32
N THR A 24 7.68 2.32 -8.66
CA THR A 24 7.05 1.96 -9.92
C THR A 24 5.70 1.28 -9.68
N LYS A 25 4.73 1.60 -10.54
CA LYS A 25 3.40 1.03 -10.42
C LYS A 25 3.47 -0.50 -10.44
N SER A 26 4.14 -1.05 -11.44
CA SER A 26 4.27 -2.50 -11.56
C SER A 26 4.59 -3.13 -10.20
N ASN A 27 5.56 -2.56 -9.51
CA ASN A 27 5.95 -3.06 -8.19
C ASN A 27 4.80 -2.96 -7.19
N LEU A 28 4.10 -1.82 -7.23
CA LEU A 28 2.97 -1.60 -6.33
C LEU A 28 1.86 -2.62 -6.58
N ILE A 29 1.45 -2.74 -7.83
CA ILE A 29 0.39 -3.68 -8.20
C ILE A 29 0.67 -5.06 -7.62
N VAL A 30 1.88 -5.57 -7.85
CA VAL A 30 2.27 -6.88 -7.36
C VAL A 30 2.14 -6.96 -5.84
N HIS A 31 2.36 -5.82 -5.17
CA HIS A 31 2.26 -5.76 -3.72
C HIS A 31 0.80 -5.75 -3.28
N GLN A 32 0.04 -4.78 -3.78
CA GLN A 32 -1.37 -4.67 -3.42
C GLN A 32 -2.02 -6.04 -3.33
N ARG A 33 -1.67 -6.92 -4.24
CA ARG A 33 -2.22 -8.27 -4.26
C ARG A 33 -2.01 -8.96 -2.92
N THR A 34 -0.81 -8.83 -2.36
CA THR A 34 -0.48 -9.44 -1.08
C THR A 34 -1.60 -9.21 -0.07
N HIS A 35 -2.42 -8.19 -0.32
CA HIS A 35 -3.53 -7.88 0.58
C HIS A 35 -4.63 -8.92 0.47
N THR A 36 -5.39 -8.84 -0.62
CA THR A 36 -6.49 -9.78 -0.86
C THR A 36 -5.97 -11.21 -0.91
N GLY A 37 -4.77 -11.39 -1.43
CA GLY A 37 -4.18 -12.72 -1.53
C GLY A 37 -5.24 -13.80 -1.75
N GLU A 38 -5.93 -13.73 -2.87
CA GLU A 38 -6.97 -14.70 -3.19
C GLU A 38 -6.79 -15.25 -4.61
N LYS A 39 -5.54 -15.35 -5.05
CA LYS A 39 -5.23 -15.85 -6.38
C LYS A 39 -4.38 -17.10 -6.31
N PRO A 40 -5.03 -18.26 -6.12
CA PRO A 40 -4.34 -19.56 -6.03
C PRO A 40 -3.75 -20.00 -7.37
N SER A 41 -4.13 -19.30 -8.44
CA SER A 41 -3.63 -19.61 -9.76
C SER A 41 -2.79 -18.47 -10.32
N GLY A 42 -1.92 -17.92 -9.47
CA GLY A 42 -1.06 -16.82 -9.89
C GLY A 42 -0.63 -16.95 -11.34
N PRO A 43 0.44 -17.72 -11.57
CA PRO A 43 0.99 -17.94 -12.91
C PRO A 43 0.06 -18.79 -13.78
N SER A 44 0.33 -18.81 -15.08
CA SER A 44 -0.47 -19.59 -16.02
C SER A 44 -0.55 -21.05 -15.59
N SER A 45 -1.68 -21.43 -15.01
CA SER A 45 -1.89 -22.80 -14.56
C SER A 45 -1.24 -23.79 -15.52
N GLY A 46 -0.11 -24.35 -15.11
CA GLY A 46 0.60 -25.31 -15.94
C GLY A 46 0.57 -24.93 -17.41
ZN ZN B . -0.31 -2.26 0.51
N GLY A 1 5.04 16.50 21.64
CA GLY A 1 5.29 15.20 21.03
C GLY A 1 6.11 15.30 19.77
N SER A 2 5.44 15.50 18.64
CA SER A 2 6.11 15.62 17.35
C SER A 2 5.34 16.53 16.41
N SER A 3 5.97 16.88 15.29
CA SER A 3 5.35 17.75 14.31
C SER A 3 5.21 17.04 12.96
N GLY A 4 6.26 16.36 12.55
CA GLY A 4 6.24 15.65 11.28
C GLY A 4 6.62 16.53 10.12
N SER A 5 7.91 16.54 9.77
CA SER A 5 8.40 17.35 8.67
C SER A 5 7.67 17.00 7.37
N SER A 6 7.95 17.77 6.32
CA SER A 6 7.33 17.54 5.02
C SER A 6 7.98 16.35 4.31
N GLY A 7 7.29 15.84 3.29
CA GLY A 7 7.81 14.71 2.54
C GLY A 7 8.43 15.14 1.22
N THR A 8 9.73 15.37 1.22
CA THR A 8 10.45 15.79 0.02
C THR A 8 10.62 14.62 -0.94
N GLY A 9 9.71 14.50 -1.90
CA GLY A 9 9.78 13.43 -2.87
C GLY A 9 8.68 12.40 -2.68
N GLU A 10 7.44 12.84 -2.79
CA GLU A 10 6.29 11.94 -2.63
C GLU A 10 6.18 10.98 -3.81
N LYS A 11 6.11 9.69 -3.50
CA LYS A 11 5.99 8.66 -4.54
C LYS A 11 4.72 8.85 -5.36
N PRO A 12 4.81 8.57 -6.66
CA PRO A 12 3.67 8.70 -7.57
C PRO A 12 2.60 7.64 -7.33
N PHE A 13 3.04 6.44 -6.94
CA PHE A 13 2.11 5.35 -6.67
C PHE A 13 2.10 5.01 -5.18
N GLU A 14 0.91 4.97 -4.61
CA GLU A 14 0.76 4.65 -3.19
C GLU A 14 -0.43 3.73 -2.97
N CYS A 15 -0.25 2.75 -2.09
CA CYS A 15 -1.31 1.79 -1.77
C CYS A 15 -2.50 2.50 -1.13
N SER A 16 -3.61 1.77 -0.99
CA SER A 16 -4.81 2.33 -0.38
C SER A 16 -5.10 1.67 0.97
N GLU A 17 -4.71 0.41 1.09
CA GLU A 17 -4.92 -0.33 2.33
C GLU A 17 -3.88 0.05 3.38
N CYS A 18 -2.62 -0.15 3.04
CA CYS A 18 -1.52 0.17 3.96
C CYS A 18 -0.96 1.56 3.67
N GLN A 19 -1.26 2.08 2.48
CA GLN A 19 -0.79 3.40 2.08
C GLN A 19 0.73 3.43 1.98
N LYS A 20 1.30 2.41 1.34
CA LYS A 20 2.74 2.33 1.16
C LYS A 20 3.19 3.09 -0.06
N ALA A 21 4.40 3.67 0.01
CA ALA A 21 4.94 4.44 -1.09
C ALA A 21 5.86 3.57 -1.96
N PHE A 22 5.60 3.57 -3.26
CA PHE A 22 6.40 2.78 -4.20
C PHE A 22 7.03 3.69 -5.27
N ASN A 23 8.05 3.16 -5.94
CA ASN A 23 8.75 3.91 -6.98
C ASN A 23 8.14 3.63 -8.35
N THR A 24 7.94 2.34 -8.65
CA THR A 24 7.37 1.94 -9.92
C THR A 24 5.99 1.32 -9.73
N LYS A 25 5.14 1.47 -10.74
CA LYS A 25 3.79 0.92 -10.70
C LYS A 25 3.82 -0.61 -10.61
N SER A 26 4.57 -1.23 -11.50
CA SER A 26 4.69 -2.68 -11.53
C SER A 26 4.96 -3.23 -10.14
N ASN A 27 5.88 -2.60 -9.42
CA ASN A 27 6.22 -3.03 -8.07
C ASN A 27 5.01 -2.94 -7.15
N LEU A 28 4.28 -1.84 -7.25
CA LEU A 28 3.10 -1.63 -6.42
C LEU A 28 2.02 -2.66 -6.74
N ILE A 29 1.66 -2.76 -8.02
CA ILE A 29 0.65 -3.72 -8.46
C ILE A 29 0.89 -5.09 -7.85
N VAL A 30 2.13 -5.54 -7.89
CA VAL A 30 2.49 -6.84 -7.33
C VAL A 30 2.24 -6.90 -5.83
N HIS A 31 2.44 -5.76 -5.17
CA HIS A 31 2.23 -5.67 -3.72
C HIS A 31 0.74 -5.66 -3.39
N GLN A 32 0.01 -4.71 -3.96
CA GLN A 32 -1.42 -4.59 -3.72
C GLN A 32 -2.06 -5.96 -3.58
N ARG A 33 -1.79 -6.84 -4.55
CA ARG A 33 -2.35 -8.18 -4.53
C ARG A 33 -2.32 -8.77 -3.13
N THR A 34 -1.18 -8.61 -2.45
CA THR A 34 -1.03 -9.12 -1.09
C THR A 34 -2.27 -8.84 -0.25
N HIS A 35 -2.84 -7.65 -0.41
CA HIS A 35 -4.03 -7.26 0.34
C HIS A 35 -5.23 -8.09 -0.10
N THR A 36 -5.69 -7.85 -1.33
CA THR A 36 -6.84 -8.57 -1.87
C THR A 36 -6.79 -10.05 -1.48
N GLY A 37 -7.59 -10.43 -0.49
CA GLY A 37 -7.62 -11.80 -0.05
C GLY A 37 -8.37 -11.98 1.26
N GLU A 38 -7.63 -12.09 2.36
CA GLU A 38 -8.23 -12.26 3.67
C GLU A 38 -8.55 -10.90 4.31
N LYS A 39 -9.83 -10.69 4.59
CA LYS A 39 -10.28 -9.44 5.20
C LYS A 39 -11.42 -9.68 6.18
N PRO A 40 -11.17 -9.41 7.47
CA PRO A 40 -12.17 -9.60 8.53
C PRO A 40 -13.31 -8.58 8.43
N SER A 41 -12.95 -7.30 8.35
CA SER A 41 -13.93 -6.24 8.25
C SER A 41 -13.25 -4.88 8.04
N GLY A 42 -14.02 -3.91 7.56
CA GLY A 42 -13.47 -2.58 7.32
C GLY A 42 -14.55 -1.54 7.18
N PRO A 43 -14.13 -0.27 7.01
CA PRO A 43 -15.06 0.86 6.86
C PRO A 43 -15.80 0.82 5.53
N SER A 44 -15.05 0.65 4.44
CA SER A 44 -15.63 0.61 3.11
C SER A 44 -16.61 1.76 2.91
N SER A 45 -16.22 2.95 3.38
CA SER A 45 -17.07 4.13 3.25
C SER A 45 -17.60 4.26 1.82
N GLY A 46 -18.91 4.10 1.67
CA GLY A 46 -19.52 4.22 0.36
C GLY A 46 -19.94 5.64 0.03
ZN ZN B . -0.52 -2.20 0.60
N GLY A 1 9.39 3.82 21.86
CA GLY A 1 9.45 4.90 20.88
C GLY A 1 9.18 4.42 19.47
N SER A 2 10.16 4.62 18.59
CA SER A 2 10.03 4.21 17.20
C SER A 2 8.73 4.73 16.60
N SER A 3 8.40 5.97 16.91
CA SER A 3 7.18 6.59 16.41
C SER A 3 7.48 7.55 15.26
N GLY A 4 6.79 7.35 14.14
CA GLY A 4 7.01 8.20 12.98
C GLY A 4 5.75 8.38 12.16
N SER A 5 5.24 9.60 12.09
CA SER A 5 4.04 9.90 11.33
C SER A 5 4.16 9.40 9.89
N SER A 6 3.09 9.54 9.13
CA SER A 6 3.08 9.10 7.74
C SER A 6 2.62 10.22 6.81
N GLY A 7 3.12 11.43 7.08
CA GLY A 7 2.76 12.57 6.26
C GLY A 7 3.43 12.55 4.90
N THR A 8 4.75 12.65 4.90
CA THR A 8 5.52 12.65 3.66
C THR A 8 5.06 11.53 2.73
N GLY A 9 5.16 11.77 1.43
CA GLY A 9 4.75 10.78 0.45
C GLY A 9 4.45 11.37 -0.90
N GLU A 10 5.44 12.01 -1.50
CA GLU A 10 5.27 12.64 -2.81
C GLU A 10 5.42 11.61 -3.93
N LYS A 11 5.55 10.35 -3.55
CA LYS A 11 5.70 9.27 -4.52
C LYS A 11 4.52 9.23 -5.49
N PRO A 12 4.80 8.89 -6.75
CA PRO A 12 3.78 8.80 -7.79
C PRO A 12 2.83 7.64 -7.59
N PHE A 13 3.33 6.59 -6.95
CA PHE A 13 2.52 5.40 -6.67
C PHE A 13 2.43 5.13 -5.18
N GLU A 14 1.20 4.99 -4.68
CA GLU A 14 0.97 4.73 -3.27
C GLU A 14 -0.14 3.71 -3.08
N CYS A 15 0.08 2.77 -2.18
CA CYS A 15 -0.89 1.72 -1.90
C CYS A 15 -2.24 2.34 -1.48
N SER A 16 -3.22 1.48 -1.23
CA SER A 16 -4.54 1.93 -0.83
C SER A 16 -4.95 1.32 0.50
N GLU A 17 -4.33 0.18 0.84
CA GLU A 17 -4.63 -0.50 2.09
C GLU A 17 -3.72 -0.01 3.22
N CYS A 18 -2.42 -0.20 3.05
CA CYS A 18 -1.44 0.23 4.04
C CYS A 18 -0.94 1.63 3.74
N GLN A 19 -1.24 2.13 2.55
CA GLN A 19 -0.82 3.46 2.14
C GLN A 19 0.70 3.53 2.04
N LYS A 20 1.32 2.48 1.53
CA LYS A 20 2.77 2.42 1.38
C LYS A 20 3.21 3.17 0.13
N ALA A 21 4.39 3.78 0.21
CA ALA A 21 4.93 4.53 -0.92
C ALA A 21 5.77 3.63 -1.82
N PHE A 22 5.70 3.87 -3.13
CA PHE A 22 6.45 3.09 -4.10
C PHE A 22 7.06 3.98 -5.17
N ASN A 23 7.82 3.39 -6.08
CA ASN A 23 8.47 4.12 -7.15
C ASN A 23 7.82 3.80 -8.49
N THR A 24 7.60 2.52 -8.75
CA THR A 24 6.98 2.08 -9.99
C THR A 24 5.64 1.40 -9.74
N LYS A 25 4.81 1.34 -10.77
CA LYS A 25 3.50 0.71 -10.66
C LYS A 25 3.63 -0.80 -10.46
N SER A 26 4.26 -1.47 -11.43
CA SER A 26 4.44 -2.92 -11.36
C SER A 26 4.79 -3.35 -9.94
N ASN A 27 5.66 -2.58 -9.29
CA ASN A 27 6.08 -2.88 -7.92
C ASN A 27 4.90 -2.84 -6.97
N LEU A 28 4.14 -1.75 -7.01
CA LEU A 28 2.98 -1.58 -6.15
C LEU A 28 1.94 -2.65 -6.43
N ILE A 29 1.69 -2.90 -7.71
CA ILE A 29 0.71 -3.91 -8.13
C ILE A 29 0.97 -5.24 -7.42
N VAL A 30 2.22 -5.69 -7.48
CA VAL A 30 2.59 -6.96 -6.84
C VAL A 30 2.40 -6.89 -5.34
N HIS A 31 2.41 -5.67 -4.79
CA HIS A 31 2.23 -5.48 -3.35
C HIS A 31 0.75 -5.26 -3.02
N GLN A 32 -0.04 -4.91 -4.02
CA GLN A 32 -1.46 -4.66 -3.84
C GLN A 32 -2.25 -5.96 -3.98
N ARG A 33 -1.77 -6.86 -4.83
CA ARG A 33 -2.43 -8.13 -5.05
C ARG A 33 -2.53 -8.94 -3.76
N THR A 34 -1.52 -8.80 -2.90
CA THR A 34 -1.50 -9.51 -1.63
C THR A 34 -2.44 -8.86 -0.62
N HIS A 35 -2.82 -7.61 -0.89
CA HIS A 35 -3.71 -6.88 -0.01
C HIS A 35 -5.16 -7.31 -0.20
N THR A 36 -5.40 -8.61 -0.09
CA THR A 36 -6.74 -9.16 -0.27
C THR A 36 -7.33 -9.63 1.06
N GLY A 37 -7.08 -8.85 2.11
CA GLY A 37 -7.58 -9.21 3.42
C GLY A 37 -7.19 -10.60 3.84
N GLU A 38 -5.97 -11.00 3.51
CA GLU A 38 -5.46 -12.32 3.85
C GLU A 38 -4.67 -12.28 5.17
N LYS A 39 -5.38 -12.33 6.29
CA LYS A 39 -4.74 -12.31 7.60
C LYS A 39 -4.18 -13.67 7.96
N PRO A 40 -2.91 -13.69 8.40
CA PRO A 40 -2.23 -14.94 8.79
C PRO A 40 -2.79 -15.52 10.08
N SER A 41 -3.05 -16.83 10.07
CA SER A 41 -3.60 -17.51 11.24
C SER A 41 -4.86 -16.82 11.74
N GLY A 42 -5.72 -16.41 10.80
CA GLY A 42 -6.95 -15.74 11.15
C GLY A 42 -8.17 -16.61 10.93
N PRO A 43 -8.41 -17.54 11.86
CA PRO A 43 -9.55 -18.47 11.79
C PRO A 43 -10.89 -17.75 12.01
N SER A 44 -11.72 -17.76 10.98
CA SER A 44 -13.03 -17.12 11.06
C SER A 44 -13.97 -17.89 11.99
N SER A 45 -15.01 -17.21 12.48
CA SER A 45 -15.96 -17.82 13.38
C SER A 45 -16.18 -19.29 13.03
N GLY A 46 -16.51 -19.54 11.76
CA GLY A 46 -16.73 -20.91 11.31
C GLY A 46 -15.63 -21.41 10.39
ZN ZN B . 0.11 -2.01 0.88
N GLY A 1 17.03 8.11 21.03
CA GLY A 1 15.67 7.70 21.30
C GLY A 1 14.94 7.25 20.06
N SER A 2 13.61 7.10 20.18
CA SER A 2 12.79 6.66 19.06
C SER A 2 12.63 7.79 18.04
N SER A 3 13.55 7.86 17.09
CA SER A 3 13.51 8.89 16.06
C SER A 3 12.28 8.73 15.17
N GLY A 4 11.64 9.85 14.83
CA GLY A 4 10.46 9.81 13.99
C GLY A 4 10.78 9.46 12.56
N SER A 5 9.91 9.87 11.64
CA SER A 5 10.10 9.60 10.22
C SER A 5 9.48 10.69 9.36
N SER A 6 9.69 10.61 8.06
CA SER A 6 9.15 11.59 7.12
C SER A 6 8.70 10.92 5.83
N GLY A 7 7.45 11.18 5.44
CA GLY A 7 6.91 10.60 4.23
C GLY A 7 5.46 10.98 4.00
N THR A 8 5.25 11.92 3.08
CA THR A 8 3.90 12.36 2.77
C THR A 8 3.58 12.17 1.29
N GLY A 9 3.11 10.98 0.94
CA GLY A 9 2.78 10.69 -0.44
C GLY A 9 3.69 11.38 -1.42
N GLU A 10 5.00 11.35 -1.14
CA GLU A 10 5.98 11.99 -2.00
C GLU A 10 6.35 11.09 -3.17
N LYS A 11 5.59 10.01 -3.35
CA LYS A 11 5.83 9.06 -4.43
C LYS A 11 4.66 9.05 -5.41
N PRO A 12 4.97 8.77 -6.69
CA PRO A 12 3.97 8.74 -7.76
C PRO A 12 3.03 7.53 -7.61
N PHE A 13 3.41 6.59 -6.75
CA PHE A 13 2.60 5.40 -6.53
C PHE A 13 2.46 5.10 -5.03
N GLU A 14 1.23 4.99 -4.57
CA GLU A 14 0.97 4.71 -3.16
C GLU A 14 -0.16 3.70 -3.01
N CYS A 15 0.01 2.76 -2.09
CA CYS A 15 -0.99 1.73 -1.84
C CYS A 15 -2.32 2.35 -1.42
N SER A 16 -3.34 1.51 -1.27
CA SER A 16 -4.66 1.98 -0.88
C SER A 16 -5.09 1.35 0.44
N GLU A 17 -4.55 0.18 0.74
CA GLU A 17 -4.88 -0.53 1.97
C GLU A 17 -4.00 -0.03 3.12
N CYS A 18 -2.69 -0.12 2.94
CA CYS A 18 -1.74 0.32 3.95
C CYS A 18 -1.20 1.71 3.64
N GLN A 19 -1.40 2.14 2.39
CA GLN A 19 -0.92 3.46 1.97
C GLN A 19 0.60 3.53 2.02
N LYS A 20 1.26 2.60 1.36
CA LYS A 20 2.72 2.56 1.34
C LYS A 20 3.26 3.41 0.20
N ALA A 21 4.58 3.60 0.18
CA ALA A 21 5.23 4.39 -0.85
C ALA A 21 6.01 3.52 -1.81
N PHE A 22 5.85 3.77 -3.11
CA PHE A 22 6.56 2.99 -4.13
C PHE A 22 7.12 3.89 -5.21
N ASN A 23 7.96 3.34 -6.06
CA ASN A 23 8.58 4.10 -7.15
C ASN A 23 7.89 3.79 -8.49
N THR A 24 7.66 2.51 -8.74
CA THR A 24 7.02 2.08 -9.98
C THR A 24 5.65 1.46 -9.68
N LYS A 25 4.81 1.42 -10.72
CA LYS A 25 3.47 0.84 -10.59
C LYS A 25 3.54 -0.68 -10.52
N SER A 26 4.18 -1.29 -11.50
CA SER A 26 4.31 -2.74 -11.55
C SER A 26 4.65 -3.31 -10.18
N ASN A 27 5.61 -2.66 -9.50
CA ASN A 27 6.02 -3.10 -8.18
C ASN A 27 4.88 -2.99 -7.18
N LEU A 28 4.17 -1.87 -7.22
CA LEU A 28 3.05 -1.64 -6.31
C LEU A 28 1.98 -2.70 -6.50
N ILE A 29 1.52 -2.86 -7.75
CA ILE A 29 0.50 -3.85 -8.06
C ILE A 29 0.74 -5.16 -7.32
N VAL A 30 1.96 -5.67 -7.43
CA VAL A 30 2.33 -6.92 -6.78
C VAL A 30 2.18 -6.80 -5.26
N HIS A 31 2.38 -5.60 -4.74
CA HIS A 31 2.27 -5.35 -3.30
C HIS A 31 0.81 -5.19 -2.90
N GLN A 32 -0.04 -4.84 -3.86
CA GLN A 32 -1.46 -4.65 -3.61
C GLN A 32 -2.22 -5.96 -3.72
N ARG A 33 -1.78 -6.82 -4.64
CA ARG A 33 -2.41 -8.11 -4.85
C ARG A 33 -2.23 -9.01 -3.63
N THR A 34 -1.12 -8.83 -2.92
CA THR A 34 -0.83 -9.62 -1.74
C THR A 34 -1.65 -9.14 -0.55
N HIS A 35 -2.26 -7.97 -0.68
CA HIS A 35 -3.09 -7.40 0.38
C HIS A 35 -4.46 -8.05 0.42
N THR A 36 -4.47 -9.38 0.32
CA THR A 36 -5.74 -10.13 0.34
C THR A 36 -6.05 -10.63 1.75
N GLY A 37 -7.31 -10.45 2.17
CA GLY A 37 -7.72 -10.89 3.49
C GLY A 37 -8.48 -9.82 4.24
N GLU A 38 -9.76 -9.67 3.93
CA GLU A 38 -10.58 -8.68 4.59
C GLU A 38 -10.95 -9.12 6.00
N LYS A 39 -10.66 -8.27 6.98
CA LYS A 39 -10.96 -8.57 8.38
C LYS A 39 -11.23 -7.29 9.16
N PRO A 40 -12.38 -7.26 9.86
CA PRO A 40 -12.78 -6.11 10.67
C PRO A 40 -11.90 -5.93 11.90
N SER A 41 -11.04 -4.91 11.87
CA SER A 41 -10.14 -4.63 12.98
C SER A 41 -10.88 -4.72 14.31
N GLY A 42 -11.98 -4.00 14.42
CA GLY A 42 -12.76 -4.01 15.64
C GLY A 42 -12.25 -3.03 16.67
N PRO A 43 -13.04 -2.77 17.72
CA PRO A 43 -12.67 -1.86 18.79
C PRO A 43 -11.56 -2.40 19.67
N SER A 44 -11.03 -3.56 19.29
CA SER A 44 -9.95 -4.20 20.04
C SER A 44 -8.94 -4.85 19.10
N SER A 45 -7.78 -5.18 19.63
CA SER A 45 -6.72 -5.81 18.85
C SER A 45 -6.37 -4.96 17.63
N GLY A 46 -6.26 -3.65 17.84
CA GLY A 46 -5.94 -2.74 16.76
C GLY A 46 -4.56 -2.11 16.92
ZN ZN B . 0.01 -2.00 0.87
N GLY A 1 9.55 21.89 17.09
CA GLY A 1 9.97 20.67 16.42
C GLY A 1 8.97 20.20 15.38
N SER A 2 9.42 20.09 14.13
CA SER A 2 8.56 19.66 13.04
C SER A 2 9.17 18.46 12.31
N SER A 3 8.81 17.26 12.75
CA SER A 3 9.32 16.04 12.13
C SER A 3 8.64 15.77 10.80
N GLY A 4 9.28 16.24 9.72
CA GLY A 4 8.72 16.05 8.39
C GLY A 4 8.96 14.65 7.87
N SER A 5 10.11 14.44 7.23
CA SER A 5 10.45 13.14 6.67
C SER A 5 11.91 13.11 6.24
N SER A 6 12.53 11.92 6.34
CA SER A 6 13.92 11.76 5.96
C SER A 6 14.08 11.82 4.44
N GLY A 7 15.07 12.60 3.99
CA GLY A 7 15.32 12.72 2.56
C GLY A 7 14.06 13.08 1.79
N THR A 8 14.09 12.87 0.48
CA THR A 8 12.95 13.16 -0.37
C THR A 8 12.36 11.89 -0.96
N GLY A 9 11.09 11.96 -1.35
CA GLY A 9 10.42 10.81 -1.93
C GLY A 9 9.14 11.17 -2.64
N GLU A 10 8.10 11.47 -1.87
CA GLU A 10 6.81 11.84 -2.43
C GLU A 10 6.48 10.98 -3.64
N LYS A 11 6.73 9.67 -3.52
CA LYS A 11 6.45 8.73 -4.60
C LYS A 11 5.06 8.93 -5.16
N PRO A 12 4.92 8.85 -6.49
CA PRO A 12 3.64 9.03 -7.18
C PRO A 12 2.69 7.86 -6.91
N PHE A 13 3.25 6.66 -6.77
CA PHE A 13 2.44 5.48 -6.51
C PHE A 13 2.30 5.23 -5.00
N GLU A 14 1.05 5.10 -4.55
CA GLU A 14 0.78 4.86 -3.15
C GLU A 14 -0.35 3.86 -2.96
N CYS A 15 -0.11 2.84 -2.15
CA CYS A 15 -1.11 1.82 -1.89
C CYS A 15 -2.44 2.44 -1.46
N SER A 16 -3.42 1.59 -1.17
CA SER A 16 -4.73 2.05 -0.74
C SER A 16 -5.10 1.47 0.62
N GLU A 17 -4.58 0.28 0.91
CA GLU A 17 -4.86 -0.38 2.18
C GLU A 17 -3.84 0.03 3.23
N CYS A 18 -2.57 -0.23 2.96
CA CYS A 18 -1.50 0.11 3.88
C CYS A 18 -0.95 1.51 3.60
N GLN A 19 -1.35 2.06 2.45
CA GLN A 19 -0.90 3.40 2.06
C GLN A 19 0.62 3.46 2.00
N LYS A 20 1.23 2.47 1.37
CA LYS A 20 2.69 2.42 1.25
C LYS A 20 3.15 3.14 -0.01
N ALA A 21 4.40 3.61 0.00
CA ALA A 21 4.95 4.32 -1.14
C ALA A 21 5.71 3.37 -2.06
N PHE A 22 5.69 3.68 -3.36
CA PHE A 22 6.36 2.84 -4.34
C PHE A 22 7.00 3.69 -5.43
N ASN A 23 8.03 3.15 -6.07
CA ASN A 23 8.74 3.87 -7.13
C ASN A 23 8.15 3.55 -8.50
N THR A 24 7.98 2.27 -8.78
CA THR A 24 7.42 1.83 -10.05
C THR A 24 6.01 1.27 -9.87
N LYS A 25 5.14 1.58 -10.82
CA LYS A 25 3.75 1.10 -10.77
C LYS A 25 3.70 -0.42 -10.68
N SER A 26 4.45 -1.09 -11.56
CA SER A 26 4.49 -2.54 -11.58
C SER A 26 4.72 -3.11 -10.18
N ASN A 27 5.73 -2.56 -9.50
CA ASN A 27 6.06 -3.01 -8.15
C ASN A 27 4.85 -2.89 -7.23
N LEU A 28 4.18 -1.76 -7.28
CA LEU A 28 3.00 -1.52 -6.45
C LEU A 28 1.97 -2.63 -6.64
N ILE A 29 1.58 -2.87 -7.89
CA ILE A 29 0.61 -3.91 -8.20
C ILE A 29 1.00 -5.24 -7.55
N VAL A 30 2.24 -5.65 -7.77
CA VAL A 30 2.73 -6.91 -7.20
C VAL A 30 2.58 -6.93 -5.69
N HIS A 31 2.40 -5.76 -5.10
CA HIS A 31 2.23 -5.64 -3.66
C HIS A 31 0.75 -5.62 -3.28
N GLN A 32 -0.05 -4.89 -4.06
CA GLN A 32 -1.47 -4.80 -3.81
C GLN A 32 -2.09 -6.18 -3.64
N ARG A 33 -1.65 -7.12 -4.46
CA ARG A 33 -2.16 -8.49 -4.40
C ARG A 33 -2.34 -8.94 -2.96
N THR A 34 -1.36 -8.65 -2.13
CA THR A 34 -1.40 -9.03 -0.72
C THR A 34 -2.73 -8.64 -0.09
N HIS A 35 -3.21 -7.44 -0.42
CA HIS A 35 -4.48 -6.95 0.10
C HIS A 35 -5.65 -7.67 -0.55
N THR A 36 -5.83 -7.45 -1.85
CA THR A 36 -6.93 -8.07 -2.58
C THR A 36 -6.41 -9.18 -3.48
N GLY A 37 -6.88 -10.41 -3.23
CA GLY A 37 -6.45 -11.54 -4.03
C GLY A 37 -7.45 -12.69 -3.98
N GLU A 38 -8.66 -12.44 -4.45
CA GLU A 38 -9.71 -13.45 -4.46
C GLU A 38 -9.34 -14.60 -5.40
N LYS A 39 -10.06 -15.72 -5.28
CA LYS A 39 -9.82 -16.88 -6.12
C LYS A 39 -10.12 -16.58 -7.58
N PRO A 40 -9.11 -16.75 -8.45
CA PRO A 40 -9.25 -16.51 -9.89
C PRO A 40 -10.15 -17.53 -10.58
N SER A 41 -10.01 -18.78 -10.18
CA SER A 41 -10.81 -19.86 -10.76
C SER A 41 -11.19 -20.89 -9.69
N GLY A 42 -12.43 -21.35 -9.74
CA GLY A 42 -12.90 -22.33 -8.77
C GLY A 42 -13.12 -23.69 -9.40
N PRO A 43 -12.84 -24.75 -8.62
CA PRO A 43 -13.00 -26.14 -9.09
C PRO A 43 -14.46 -26.53 -9.25
N SER A 44 -15.32 -25.92 -8.45
CA SER A 44 -16.75 -26.21 -8.51
C SER A 44 -17.55 -24.92 -8.72
N SER A 45 -17.39 -23.97 -7.81
CA SER A 45 -18.11 -22.70 -7.90
C SER A 45 -17.38 -21.74 -8.83
N GLY A 46 -18.12 -21.15 -9.76
CA GLY A 46 -17.53 -20.21 -10.70
C GLY A 46 -18.33 -18.93 -10.82
ZN ZN B . -0.23 -2.19 0.55
N GLY A 1 9.42 13.10 24.22
CA GLY A 1 9.42 14.56 24.19
C GLY A 1 8.82 15.11 22.90
N SER A 2 9.66 15.26 21.88
CA SER A 2 9.22 15.78 20.59
C SER A 2 10.01 15.17 19.45
N SER A 3 9.30 14.66 18.45
CA SER A 3 9.93 14.04 17.30
C SER A 3 11.15 14.84 16.84
N GLY A 4 12.07 14.18 16.16
CA GLY A 4 13.27 14.86 15.68
C GLY A 4 13.93 14.12 14.53
N SER A 5 14.27 12.86 14.76
CA SER A 5 14.92 12.04 13.74
C SER A 5 13.93 11.06 13.13
N SER A 6 13.21 11.52 12.11
CA SER A 6 12.23 10.69 11.43
C SER A 6 12.03 11.15 9.98
N GLY A 7 11.31 10.34 9.20
CA GLY A 7 11.07 10.67 7.81
C GLY A 7 10.12 9.70 7.14
N THR A 8 9.76 9.99 5.89
CA THR A 8 8.86 9.13 5.14
C THR A 8 9.09 9.27 3.64
N GLY A 9 8.81 8.21 2.90
CA GLY A 9 8.99 8.23 1.46
C GLY A 9 7.87 8.95 0.75
N GLU A 10 8.23 9.73 -0.27
CA GLU A 10 7.23 10.48 -1.04
C GLU A 10 7.29 10.09 -2.52
N LYS A 11 6.46 9.12 -2.91
CA LYS A 11 6.41 8.67 -4.28
C LYS A 11 5.02 8.88 -4.88
N PRO A 12 4.94 8.84 -6.22
CA PRO A 12 3.66 9.03 -6.93
C PRO A 12 2.72 7.85 -6.74
N PHE A 13 3.27 6.65 -6.74
CA PHE A 13 2.47 5.43 -6.57
C PHE A 13 2.34 5.08 -5.09
N GLU A 14 1.11 5.17 -4.57
CA GLU A 14 0.85 4.86 -3.17
C GLU A 14 -0.26 3.81 -3.05
N CYS A 15 -0.03 2.83 -2.18
CA CYS A 15 -1.00 1.76 -1.96
C CYS A 15 -2.36 2.34 -1.56
N SER A 16 -3.33 1.45 -1.36
CA SER A 16 -4.67 1.87 -0.98
C SER A 16 -5.03 1.33 0.40
N GLU A 17 -4.48 0.17 0.74
CA GLU A 17 -4.75 -0.45 2.04
C GLU A 17 -3.81 0.09 3.10
N CYS A 18 -2.51 -0.15 2.92
CA CYS A 18 -1.50 0.31 3.87
C CYS A 18 -0.96 1.68 3.47
N GLN A 19 -1.27 2.10 2.24
CA GLN A 19 -0.82 3.39 1.74
C GLN A 19 0.71 3.46 1.74
N LYS A 20 1.35 2.45 1.15
CA LYS A 20 2.81 2.41 1.09
C LYS A 20 3.32 3.19 -0.12
N ALA A 21 4.55 3.69 -0.01
CA ALA A 21 5.15 4.45 -1.10
C ALA A 21 5.91 3.54 -2.05
N PHE A 22 5.55 3.58 -3.33
CA PHE A 22 6.20 2.76 -4.34
C PHE A 22 6.81 3.62 -5.43
N ASN A 23 7.97 3.20 -5.93
CA ASN A 23 8.66 3.94 -6.99
C ASN A 23 8.04 3.64 -8.34
N THR A 24 7.84 2.36 -8.63
CA THR A 24 7.25 1.94 -9.90
C THR A 24 5.90 1.28 -9.70
N LYS A 25 4.98 1.52 -10.63
CA LYS A 25 3.63 0.95 -10.54
C LYS A 25 3.70 -0.57 -10.50
N SER A 26 4.43 -1.16 -11.44
CA SER A 26 4.56 -2.61 -11.50
C SER A 26 4.78 -3.20 -10.11
N ASN A 27 5.69 -2.59 -9.35
CA ASN A 27 5.98 -3.06 -7.99
C ASN A 27 4.76 -2.95 -7.10
N LEU A 28 4.10 -1.79 -7.14
CA LEU A 28 2.91 -1.56 -6.33
C LEU A 28 1.86 -2.64 -6.59
N ILE A 29 1.52 -2.84 -7.87
CA ILE A 29 0.54 -3.84 -8.25
C ILE A 29 0.86 -5.19 -7.63
N VAL A 30 2.11 -5.61 -7.75
CA VAL A 30 2.54 -6.88 -7.19
C VAL A 30 2.35 -6.92 -5.68
N HIS A 31 2.18 -5.74 -5.08
CA HIS A 31 1.99 -5.64 -3.63
C HIS A 31 0.50 -5.60 -3.29
N GLN A 32 -0.23 -4.75 -3.99
CA GLN A 32 -1.67 -4.61 -3.76
C GLN A 32 -2.34 -5.97 -3.64
N ARG A 33 -1.83 -6.95 -4.38
CA ARG A 33 -2.39 -8.29 -4.36
C ARG A 33 -2.21 -8.93 -2.98
N THR A 34 -1.06 -8.67 -2.36
CA THR A 34 -0.77 -9.21 -1.04
C THR A 34 -1.85 -8.82 -0.03
N HIS A 35 -2.58 -7.76 -0.34
CA HIS A 35 -3.65 -7.29 0.54
C HIS A 35 -4.91 -8.13 0.37
N THR A 36 -4.78 -9.43 0.59
CA THR A 36 -5.91 -10.35 0.46
C THR A 36 -6.00 -11.28 1.67
N GLY A 37 -4.88 -11.88 2.04
CA GLY A 37 -4.87 -12.78 3.18
C GLY A 37 -3.84 -13.89 3.01
N GLU A 38 -4.29 -15.03 2.50
CA GLU A 38 -3.40 -16.17 2.30
C GLU A 38 -2.94 -16.74 3.64
N LYS A 39 -3.85 -16.77 4.61
CA LYS A 39 -3.54 -17.29 5.93
C LYS A 39 -4.38 -18.52 6.24
N PRO A 40 -3.85 -19.40 7.11
CA PRO A 40 -4.54 -20.63 7.51
C PRO A 40 -5.75 -20.36 8.39
N SER A 41 -6.84 -21.07 8.14
CA SER A 41 -8.07 -20.90 8.91
C SER A 41 -7.76 -20.57 10.36
N GLY A 42 -8.32 -19.46 10.84
CA GLY A 42 -8.09 -19.04 12.21
C GLY A 42 -9.26 -19.37 13.11
N PRO A 43 -9.35 -18.66 14.25
CA PRO A 43 -10.43 -18.86 15.23
C PRO A 43 -11.78 -18.40 14.70
N SER A 44 -11.80 -17.94 13.45
CA SER A 44 -13.04 -17.47 12.83
C SER A 44 -13.62 -18.53 11.91
N SER A 45 -14.94 -18.70 11.98
CA SER A 45 -15.63 -19.68 11.16
C SER A 45 -16.46 -19.00 10.07
N GLY A 46 -15.89 -17.99 9.44
CA GLY A 46 -16.59 -17.26 8.40
C GLY A 46 -16.15 -17.69 7.00
ZN ZN B . -0.26 -2.18 0.77
N GLY A 1 -3.69 23.03 14.71
CA GLY A 1 -3.54 21.82 13.94
C GLY A 1 -2.71 20.77 14.67
N SER A 2 -3.30 19.60 14.88
CA SER A 2 -2.61 18.52 15.56
C SER A 2 -2.70 17.21 14.77
N SER A 3 -3.90 16.91 14.29
CA SER A 3 -4.13 15.70 13.52
C SER A 3 -3.66 15.87 12.07
N GLY A 4 -2.64 15.10 11.69
CA GLY A 4 -2.12 15.19 10.33
C GLY A 4 -0.70 14.69 10.23
N SER A 5 -0.47 13.48 10.73
CA SER A 5 0.87 12.89 10.69
C SER A 5 0.94 11.77 9.66
N SER A 6 2.14 11.53 9.13
CA SER A 6 2.33 10.50 8.13
C SER A 6 1.27 10.58 7.04
N GLY A 7 0.96 11.81 6.63
CA GLY A 7 -0.04 12.00 5.60
C GLY A 7 0.24 11.18 4.35
N THR A 8 0.74 11.84 3.31
CA THR A 8 1.06 11.17 2.06
C THR A 8 2.55 11.25 1.75
N GLY A 9 3.11 10.17 1.21
CA GLY A 9 4.51 10.14 0.87
C GLY A 9 4.85 11.08 -0.27
N GLU A 10 6.05 10.93 -0.83
CA GLU A 10 6.49 11.77 -1.93
C GLU A 10 6.62 10.95 -3.22
N LYS A 11 5.98 9.79 -3.24
CA LYS A 11 6.02 8.91 -4.41
C LYS A 11 4.71 8.99 -5.18
N PRO A 12 4.80 8.84 -6.52
CA PRO A 12 3.63 8.88 -7.40
C PRO A 12 2.74 7.66 -7.24
N PHE A 13 3.31 6.57 -6.76
CA PHE A 13 2.57 5.33 -6.55
C PHE A 13 2.42 5.03 -5.06
N GLU A 14 1.19 5.08 -4.58
CA GLU A 14 0.91 4.81 -3.16
C GLU A 14 -0.22 3.81 -3.02
N CYS A 15 0.00 2.80 -2.17
CA CYS A 15 -1.00 1.77 -1.94
C CYS A 15 -2.35 2.38 -1.57
N SER A 16 -3.33 1.53 -1.31
CA SER A 16 -4.67 2.00 -0.95
C SER A 16 -5.10 1.44 0.41
N GLU A 17 -4.58 0.26 0.75
CA GLU A 17 -4.89 -0.37 2.01
C GLU A 17 -3.95 0.10 3.12
N CYS A 18 -2.66 -0.16 2.94
CA CYS A 18 -1.66 0.25 3.91
C CYS A 18 -1.09 1.62 3.59
N GLN A 19 -1.33 2.07 2.36
CA GLN A 19 -0.85 3.38 1.92
C GLN A 19 0.67 3.44 1.95
N LYS A 20 1.31 2.47 1.29
CA LYS A 20 2.76 2.41 1.24
C LYS A 20 3.30 3.18 0.04
N ALA A 21 4.55 3.62 0.13
CA ALA A 21 5.18 4.36 -0.96
C ALA A 21 5.91 3.43 -1.92
N PHE A 22 5.77 3.70 -3.21
CA PHE A 22 6.41 2.88 -4.23
C PHE A 22 7.03 3.76 -5.32
N ASN A 23 8.01 3.19 -6.04
CA ASN A 23 8.68 3.93 -7.10
C ASN A 23 8.02 3.67 -8.45
N THR A 24 7.77 2.39 -8.74
CA THR A 24 7.14 2.00 -10.00
C THR A 24 5.81 1.31 -9.76
N LYS A 25 4.87 1.52 -10.67
CA LYS A 25 3.54 0.92 -10.57
C LYS A 25 3.64 -0.60 -10.46
N SER A 26 4.30 -1.22 -11.44
CA SER A 26 4.46 -2.66 -11.46
C SER A 26 4.74 -3.20 -10.06
N ASN A 27 5.68 -2.56 -9.37
CA ASN A 27 6.04 -2.98 -8.01
C ASN A 27 4.84 -2.88 -7.08
N LEU A 28 4.12 -1.77 -7.16
CA LEU A 28 2.95 -1.55 -6.32
C LEU A 28 1.91 -2.65 -6.53
N ILE A 29 1.51 -2.82 -7.79
CA ILE A 29 0.52 -3.84 -8.13
C ILE A 29 0.87 -5.18 -7.49
N VAL A 30 2.10 -5.63 -7.72
CA VAL A 30 2.56 -6.90 -7.16
C VAL A 30 2.37 -6.94 -5.66
N HIS A 31 2.28 -5.77 -5.05
CA HIS A 31 2.09 -5.67 -3.60
C HIS A 31 0.61 -5.63 -3.24
N GLN A 32 -0.11 -4.68 -3.83
CA GLN A 32 -1.53 -4.54 -3.58
C GLN A 32 -2.22 -5.89 -3.54
N ARG A 33 -1.82 -6.78 -4.43
CA ARG A 33 -2.40 -8.11 -4.51
C ARG A 33 -2.21 -8.86 -3.19
N THR A 34 -1.05 -8.68 -2.58
CA THR A 34 -0.73 -9.33 -1.31
C THR A 34 -1.89 -9.21 -0.32
N HIS A 35 -2.56 -8.06 -0.35
CA HIS A 35 -3.69 -7.81 0.54
C HIS A 35 -4.84 -8.76 0.24
N THR A 36 -5.26 -8.79 -1.02
CA THR A 36 -6.35 -9.67 -1.44
C THR A 36 -5.84 -11.05 -1.80
N GLY A 37 -6.48 -12.08 -1.25
CA GLY A 37 -6.07 -13.44 -1.53
C GLY A 37 -7.23 -14.32 -1.97
N GLU A 38 -7.27 -14.63 -3.26
CA GLU A 38 -8.34 -15.46 -3.81
C GLU A 38 -7.78 -16.51 -4.74
N LYS A 39 -8.31 -17.72 -4.66
CA LYS A 39 -7.86 -18.83 -5.50
C LYS A 39 -9.02 -19.75 -5.86
N PRO A 40 -9.11 -20.13 -7.14
CA PRO A 40 -10.17 -21.01 -7.64
C PRO A 40 -10.03 -22.43 -7.13
N SER A 41 -11.05 -23.25 -7.37
CA SER A 41 -11.03 -24.64 -6.93
C SER A 41 -9.62 -25.22 -7.00
N GLY A 42 -9.05 -25.22 -8.20
CA GLY A 42 -7.70 -25.74 -8.38
C GLY A 42 -7.67 -27.26 -8.35
N PRO A 43 -7.66 -27.87 -9.55
CA PRO A 43 -7.63 -29.32 -9.69
C PRO A 43 -6.29 -29.93 -9.27
N SER A 44 -5.39 -29.07 -8.80
CA SER A 44 -4.07 -29.50 -8.38
C SER A 44 -4.16 -30.29 -7.06
N SER A 45 -3.05 -30.91 -6.67
CA SER A 45 -3.00 -31.69 -5.45
C SER A 45 -2.58 -30.83 -4.27
N GLY A 46 -3.43 -30.79 -3.24
CA GLY A 46 -3.14 -29.99 -2.06
C GLY A 46 -2.26 -30.73 -1.06
ZN ZN B . -0.36 -2.26 0.77
N GLY A 1 6.72 3.05 6.00
CA GLY A 1 8.08 3.12 6.48
C GLY A 1 8.25 4.11 7.62
N SER A 2 7.62 3.81 8.75
CA SER A 2 7.69 4.68 9.92
C SER A 2 8.96 4.40 10.73
N SER A 3 10.07 4.98 10.29
CA SER A 3 11.35 4.78 10.97
C SER A 3 11.88 6.11 11.51
N GLY A 4 12.99 6.04 12.25
CA GLY A 4 13.58 7.23 12.82
C GLY A 4 14.41 8.00 11.79
N SER A 5 13.74 8.81 10.99
CA SER A 5 14.41 9.60 9.97
C SER A 5 13.47 10.63 9.34
N SER A 6 14.00 11.46 8.46
CA SER A 6 13.21 12.49 7.81
C SER A 6 13.23 12.32 6.29
N GLY A 7 12.06 12.34 5.68
CA GLY A 7 11.97 12.18 4.24
C GLY A 7 10.61 11.66 3.80
N THR A 8 9.62 12.54 3.75
CA THR A 8 8.28 12.16 3.35
C THR A 8 8.31 11.23 2.14
N GLY A 9 7.24 10.45 1.97
CA GLY A 9 7.17 9.53 0.85
C GLY A 9 7.36 10.22 -0.48
N GLU A 10 6.46 11.14 -0.81
CA GLU A 10 6.53 11.87 -2.07
C GLU A 10 6.76 10.92 -3.24
N LYS A 11 5.87 9.93 -3.37
CA LYS A 11 5.97 8.95 -4.44
C LYS A 11 4.74 9.00 -5.35
N PRO A 12 4.96 8.79 -6.65
CA PRO A 12 3.88 8.81 -7.65
C PRO A 12 2.93 7.63 -7.50
N PHE A 13 3.43 6.56 -6.86
CA PHE A 13 2.62 5.36 -6.67
C PHE A 13 2.52 5.02 -5.18
N GLU A 14 1.28 4.93 -4.70
CA GLU A 14 1.03 4.62 -3.29
C GLU A 14 -0.14 3.65 -3.14
N CYS A 15 -0.06 2.79 -2.14
CA CYS A 15 -1.12 1.80 -1.89
C CYS A 15 -2.37 2.48 -1.37
N SER A 16 -3.43 1.70 -1.19
CA SER A 16 -4.70 2.22 -0.70
C SER A 16 -5.08 1.57 0.64
N GLU A 17 -4.70 0.30 0.79
CA GLU A 17 -5.00 -0.44 2.01
C GLU A 17 -4.02 -0.08 3.12
N CYS A 18 -2.72 -0.17 2.82
CA CYS A 18 -1.69 0.14 3.79
C CYS A 18 -1.12 1.53 3.56
N GLN A 19 -1.39 2.07 2.37
CA GLN A 19 -0.90 3.40 2.02
C GLN A 19 0.62 3.44 2.01
N LYS A 20 1.23 2.40 1.45
CA LYS A 20 2.68 2.31 1.36
C LYS A 20 3.21 3.08 0.15
N ALA A 21 4.45 3.53 0.23
CA ALA A 21 5.08 4.27 -0.86
C ALA A 21 5.79 3.32 -1.82
N PHE A 22 5.73 3.64 -3.11
CA PHE A 22 6.37 2.82 -4.13
C PHE A 22 7.04 3.70 -5.18
N ASN A 23 8.00 3.12 -5.90
CA ASN A 23 8.72 3.84 -6.94
C ASN A 23 8.02 3.70 -8.29
N THR A 24 7.65 2.48 -8.64
CA THR A 24 6.96 2.22 -9.90
C THR A 24 5.62 1.56 -9.67
N LYS A 25 4.76 1.56 -10.69
CA LYS A 25 3.45 0.95 -10.60
C LYS A 25 3.55 -0.58 -10.65
N SER A 26 4.42 -1.08 -11.53
CA SER A 26 4.60 -2.52 -11.67
C SER A 26 4.87 -3.17 -10.32
N ASN A 27 5.69 -2.51 -9.50
CA ASN A 27 6.03 -3.03 -8.18
C ASN A 27 4.83 -2.93 -7.23
N LEU A 28 4.14 -1.81 -7.29
CA LEU A 28 2.97 -1.59 -6.43
C LEU A 28 1.89 -2.64 -6.71
N ILE A 29 1.57 -2.83 -7.98
CA ILE A 29 0.56 -3.81 -8.37
C ILE A 29 0.87 -5.18 -7.78
N VAL A 30 2.13 -5.56 -7.81
CA VAL A 30 2.55 -6.85 -7.27
C VAL A 30 2.36 -6.91 -5.75
N HIS A 31 2.35 -5.73 -5.12
CA HIS A 31 2.17 -5.64 -3.68
C HIS A 31 0.69 -5.64 -3.32
N GLN A 32 -0.05 -4.72 -3.92
CA GLN A 32 -1.48 -4.60 -3.65
C GLN A 32 -2.11 -5.98 -3.44
N ARG A 33 -1.79 -6.91 -4.34
CA ARG A 33 -2.32 -8.26 -4.27
C ARG A 33 -2.18 -8.82 -2.85
N THR A 34 -1.00 -8.63 -2.26
CA THR A 34 -0.73 -9.11 -0.91
C THR A 34 -1.91 -8.85 0.01
N HIS A 35 -2.73 -7.87 -0.35
CA HIS A 35 -3.90 -7.51 0.45
C HIS A 35 -5.06 -8.45 0.16
N THR A 36 -4.78 -9.75 0.15
CA THR A 36 -5.81 -10.75 -0.12
C THR A 36 -5.24 -12.16 0.03
N GLY A 37 -6.05 -13.05 0.61
CA GLY A 37 -5.62 -14.42 0.80
C GLY A 37 -6.09 -14.99 2.14
N GLU A 38 -5.88 -14.23 3.20
CA GLU A 38 -6.28 -14.67 4.53
C GLU A 38 -7.77 -14.43 4.76
N LYS A 39 -8.26 -14.85 5.92
CA LYS A 39 -9.67 -14.68 6.27
C LYS A 39 -10.18 -13.33 5.79
N PRO A 40 -11.34 -13.35 5.10
CA PRO A 40 -11.97 -12.13 4.57
C PRO A 40 -12.52 -11.24 5.68
N SER A 41 -12.71 -9.96 5.35
CA SER A 41 -13.23 -9.00 6.32
C SER A 41 -14.56 -8.43 5.85
N GLY A 42 -15.19 -7.62 6.71
CA GLY A 42 -16.46 -7.02 6.37
C GLY A 42 -16.52 -5.55 6.71
N PRO A 43 -16.10 -4.70 5.75
CA PRO A 43 -16.09 -3.24 5.93
C PRO A 43 -17.50 -2.66 5.97
N SER A 44 -17.83 -1.99 7.07
CA SER A 44 -19.15 -1.38 7.23
C SER A 44 -19.30 -0.17 6.30
N SER A 45 -18.32 0.73 6.34
CA SER A 45 -18.35 1.93 5.51
C SER A 45 -17.25 1.89 4.46
N GLY A 46 -17.28 2.85 3.54
CA GLY A 46 -16.28 2.90 2.49
C GLY A 46 -15.90 1.53 1.98
ZN ZN B . -0.37 -2.27 0.53
#